data_6XV5
#
_entry.id   6XV5
#
_cell.length_a   56.265
_cell.length_b   147.772
_cell.length_c   164.523
_cell.angle_alpha   90.000
_cell.angle_beta   90.000
_cell.angle_gamma   90.000
#
_symmetry.space_group_name_H-M   'P 21 21 21'
#
loop_
_entity.id
_entity.type
_entity.pdbx_description
1 polymer 'Peptidoglycan D,D-transpeptidase MrdA'
2 non-polymer 'L(+)-TARTARIC ACID'
3 water water
#
_entity_poly.entity_id   1
_entity_poly.type   'polypeptide(L)'
_entity_poly.pdbx_seq_one_letter_code
;HHHHHHSSGENLYFQGHMDDYSTRSNDNRIKLVPIAPSRGMIFDRNGTPLALNRTIYQLELMPEKIENLSATLNALRPIV
DLTDDDIANFEKERKRSRRFTSIAVKTPLTEVQVARFAVNQFRFPGIEVKGYQRRFYPYGSALTHVIGYVSKINDKDVER
LDKEGILPNYAATHDIGKLGIERYYESTLHGKTGYEEVEVNNRGRVIRQLHEQPPQAGKDIYLTLDLSLQIYIEKLLSGS
RAAVVVTDPRTGGILALVSNPSYDPNLFVDGISNKDYQGLLNDTNRPLINRATQGVYPPA(O2E)TVKPYIAVSALSAGV
ITKNTSLFDPGWWQLPGSEKRYRDWKKWGHGRLNVTKALEESADTFFYQVAYDMGIDRLSSWMSKFGYGEYTGIDLSEER
AGLMPTREWKQKRHKKPWYQGDTIPVGIGQGYWTATPIQMAKSLMTLINDGTVKTPHLLQSTRIDGVLVPYKQEDSTQIG
SINSGYWEIAKDGMYGVANRPNGTGRKFFEGTPYKAAAKSGTAQVYSYETYNASKVAEHLRDHKLMVAFAPYENPTVSVA
IILENGGAGPAVGTITRQILDHILLGD
;
_entity_poly.pdbx_strand_id   BBB,AAA
#
# COMPACT_ATOMS: atom_id res chain seq x y z
N LYS A 31 44.85 -21.56 11.46
CA LYS A 31 43.90 -20.52 10.94
C LYS A 31 42.96 -20.07 12.07
N LEU A 32 42.21 -18.99 11.83
CA LEU A 32 41.28 -18.36 12.81
C LEU A 32 39.88 -18.25 12.19
N VAL A 33 39.24 -19.38 11.89
CA VAL A 33 37.86 -19.42 11.29
C VAL A 33 36.80 -19.34 12.39
N PRO A 34 35.57 -18.89 12.05
CA PRO A 34 34.48 -18.65 13.00
C PRO A 34 33.52 -19.83 13.28
N ILE A 35 32.89 -19.86 14.47
CA ILE A 35 31.91 -20.89 14.92
C ILE A 35 30.52 -20.25 15.01
N ALA A 36 29.53 -20.86 14.34
CA ALA A 36 28.11 -20.42 14.33
C ALA A 36 27.51 -20.60 15.71
N PRO A 37 26.89 -19.55 16.31
CA PRO A 37 26.13 -19.71 17.55
C PRO A 37 24.76 -20.29 17.22
N SER A 38 24.29 -21.26 18.02
CA SER A 38 22.97 -21.90 17.85
C SER A 38 21.89 -20.87 18.18
N ARG A 39 20.82 -20.84 17.38
CA ARG A 39 19.71 -19.85 17.48
C ARG A 39 18.86 -20.17 18.70
N GLY A 40 18.47 -19.15 19.47
CA GLY A 40 17.50 -19.25 20.57
C GLY A 40 16.24 -19.96 20.12
N MET A 41 15.60 -20.73 21.01
CA MET A 41 14.33 -21.45 20.76
C MET A 41 13.16 -20.51 21.05
N ILE A 42 11.98 -20.79 20.47
CA ILE A 42 10.71 -20.05 20.72
C ILE A 42 9.66 -21.05 21.22
N PHE A 43 9.07 -20.79 22.39
CA PHE A 43 8.00 -21.62 23.02
C PHE A 43 6.74 -20.78 23.24
N ASP A 44 5.59 -21.45 23.40
CA ASP A 44 4.30 -20.81 23.77
C ASP A 44 4.26 -20.66 25.30
N ARG A 45 3.11 -20.29 25.87
CA ARG A 45 2.87 -20.12 27.34
C ARG A 45 3.29 -21.39 28.09
N ASN A 46 2.91 -22.55 27.52
CA ASN A 46 3.00 -23.90 28.14
C ASN A 46 4.46 -24.37 28.19
N GLY A 47 5.25 -24.07 27.14
CA GLY A 47 6.63 -24.51 26.99
C GLY A 47 6.82 -25.38 25.75
N THR A 48 5.74 -25.60 24.98
CA THR A 48 5.74 -26.30 23.67
C THR A 48 6.72 -25.61 22.73
N PRO A 49 7.69 -26.33 22.11
CA PRO A 49 8.56 -25.73 21.10
C PRO A 49 7.81 -25.37 19.81
N LEU A 50 8.00 -24.15 19.31
CA LEU A 50 7.35 -23.60 18.08
C LEU A 50 8.40 -23.35 16.98
N ALA A 51 9.64 -23.07 17.38
CA ALA A 51 10.81 -22.90 16.48
C ALA A 51 12.02 -23.65 17.08
N LEU A 52 12.39 -24.77 16.45
CA LEU A 52 13.48 -25.67 16.88
C LEU A 52 14.69 -25.48 15.97
N ASN A 53 15.87 -25.86 16.47
CA ASN A 53 17.09 -26.05 15.66
C ASN A 53 17.31 -27.54 15.43
N ARG A 54 17.07 -28.01 14.20
CA ARG A 54 17.36 -29.39 13.73
CA ARG A 54 17.37 -29.39 13.76
C ARG A 54 18.69 -29.36 12.97
N THR A 55 19.42 -30.49 13.01
CA THR A 55 20.62 -30.74 12.17
C THR A 55 20.16 -31.44 10.89
N ILE A 56 20.56 -30.90 9.74
CA ILE A 56 20.23 -31.44 8.39
C ILE A 56 21.54 -31.91 7.76
N TYR A 57 21.55 -33.15 7.26
CA TYR A 57 22.69 -33.74 6.53
C TYR A 57 22.39 -33.70 5.03
N GLN A 58 23.40 -33.37 4.22
CA GLN A 58 23.30 -33.51 2.75
C GLN A 58 24.61 -34.05 2.17
N LEU A 59 24.48 -34.71 1.02
CA LEU A 59 25.61 -35.29 0.27
C LEU A 59 26.11 -34.23 -0.72
N GLU A 60 27.40 -33.90 -0.68
CA GLU A 60 28.02 -32.87 -1.55
C GLU A 60 29.22 -33.45 -2.31
N LEU A 61 29.59 -32.82 -3.41
CA LEU A 61 30.83 -33.11 -4.18
C LEU A 61 31.21 -31.87 -5.00
N MET A 62 32.51 -31.67 -5.23
CA MET A 62 33.07 -30.70 -6.21
C MET A 62 33.21 -31.41 -7.55
N PRO A 63 32.34 -31.12 -8.55
CA PRO A 63 32.34 -31.87 -9.82
C PRO A 63 33.71 -31.93 -10.52
N GLU A 64 34.62 -30.99 -10.25
CA GLU A 64 36.00 -30.95 -10.82
C GLU A 64 36.80 -32.18 -10.38
N LYS A 65 36.65 -32.63 -9.12
CA LYS A 65 37.43 -33.74 -8.51
C LYS A 65 36.82 -35.11 -8.84
N ILE A 66 35.70 -35.13 -9.57
CA ILE A 66 34.97 -36.37 -9.97
C ILE A 66 35.11 -36.53 -11.50
N GLU A 67 35.29 -37.77 -11.96
CA GLU A 67 35.26 -38.14 -13.41
C GLU A 67 34.22 -39.25 -13.59
N ASN A 68 33.68 -39.37 -14.81
CA ASN A 68 32.49 -40.23 -15.11
C ASN A 68 31.37 -39.86 -14.14
N LEU A 69 31.09 -38.56 -14.02
CA LEU A 69 30.07 -37.99 -13.12
C LEU A 69 28.77 -38.78 -13.26
N SER A 70 28.29 -38.96 -14.49
CA SER A 70 27.03 -39.70 -14.82
C SER A 70 27.08 -41.10 -14.21
N ALA A 71 28.21 -41.79 -14.34
CA ALA A 71 28.45 -43.14 -13.75
C ALA A 71 28.39 -43.07 -12.22
N THR A 72 29.03 -42.06 -11.64
CA THR A 72 29.11 -41.82 -10.16
C THR A 72 27.71 -41.57 -9.60
N LEU A 73 26.90 -40.77 -10.31
CA LEU A 73 25.48 -40.47 -9.93
C LEU A 73 24.67 -41.78 -9.95
N ASN A 74 24.79 -42.55 -11.04
CA ASN A 74 24.13 -43.87 -11.23
C ASN A 74 24.48 -44.78 -10.04
N ALA A 75 25.74 -44.77 -9.63
CA ALA A 75 26.30 -45.61 -8.53
C ALA A 75 25.65 -45.25 -7.19
N LEU A 76 25.22 -44.00 -7.02
CA LEU A 76 24.70 -43.46 -5.73
C LEU A 76 23.21 -43.77 -5.56
N ARG A 77 22.49 -44.02 -6.67
CA ARG A 77 21.02 -44.31 -6.66
C ARG A 77 20.70 -45.26 -5.50
N PRO A 78 21.30 -46.47 -5.46
CA PRO A 78 20.96 -47.45 -4.43
C PRO A 78 21.43 -47.13 -3.00
N ILE A 79 22.45 -46.26 -2.86
CA ILE A 79 23.17 -46.03 -1.58
C ILE A 79 22.43 -45.00 -0.72
N VAL A 80 21.91 -43.94 -1.34
CA VAL A 80 21.25 -42.79 -0.64
C VAL A 80 19.86 -42.54 -1.24
N ASP A 81 19.36 -43.44 -2.08
CA ASP A 81 18.04 -43.31 -2.78
C ASP A 81 18.06 -42.02 -3.61
N LEU A 82 19.09 -41.86 -4.44
CA LEU A 82 19.23 -40.70 -5.36
C LEU A 82 18.22 -40.87 -6.52
N THR A 83 17.42 -39.84 -6.78
CA THR A 83 16.32 -39.83 -7.79
C THR A 83 16.76 -39.02 -9.02
N ASP A 84 16.01 -39.12 -10.13
CA ASP A 84 16.22 -38.33 -11.37
C ASP A 84 15.98 -36.84 -11.07
N ASP A 85 15.10 -36.55 -10.11
CA ASP A 85 14.77 -35.18 -9.64
C ASP A 85 15.97 -34.60 -8.90
N ASP A 86 16.67 -35.43 -8.11
CA ASP A 86 17.88 -35.04 -7.35
C ASP A 86 18.99 -34.64 -8.33
N ILE A 87 19.18 -35.41 -9.41
CA ILE A 87 20.25 -35.15 -10.42
C ILE A 87 19.89 -33.90 -11.24
N ALA A 88 18.60 -33.75 -11.61
CA ALA A 88 18.07 -32.58 -12.35
C ALA A 88 18.44 -31.30 -11.61
N ASN A 89 18.00 -31.19 -10.35
CA ASN A 89 18.24 -30.03 -9.45
C ASN A 89 19.76 -29.82 -9.32
N PHE A 90 20.54 -30.91 -9.27
CA PHE A 90 22.02 -30.88 -9.16
C PHE A 90 22.61 -30.32 -10.45
N GLU A 91 22.41 -31.03 -11.58
CA GLU A 91 22.97 -30.65 -12.91
C GLU A 91 22.71 -29.17 -13.21
N LYS A 92 21.49 -28.71 -12.93
CA LYS A 92 21.07 -27.30 -13.22
C LYS A 92 21.73 -26.35 -12.20
N GLU A 93 21.75 -26.69 -10.92
CA GLU A 93 22.28 -25.83 -9.83
C GLU A 93 23.81 -25.71 -9.92
N ARG A 94 24.47 -26.59 -10.69
CA ARG A 94 25.96 -26.58 -10.89
C ARG A 94 26.34 -25.49 -11.91
N LYS A 95 25.49 -25.26 -12.93
CA LYS A 95 25.71 -24.19 -13.94
C LYS A 95 25.49 -22.82 -13.29
N ARG A 96 24.39 -22.62 -12.58
CA ARG A 96 24.06 -21.36 -11.84
C ARG A 96 25.14 -21.08 -10.80
N SER A 97 25.63 -22.11 -10.11
CA SER A 97 26.67 -22.02 -9.05
C SER A 97 28.03 -21.78 -9.70
N ARG A 98 28.87 -20.93 -9.09
CA ARG A 98 30.29 -20.68 -9.48
C ARG A 98 30.98 -22.05 -9.61
N ARG A 99 31.75 -22.27 -10.70
CA ARG A 99 32.31 -23.60 -11.04
C ARG A 99 33.51 -23.90 -10.12
N PHE A 100 33.77 -25.19 -9.86
CA PHE A 100 34.75 -25.67 -8.85
C PHE A 100 34.29 -25.22 -7.46
N THR A 101 33.17 -25.78 -7.00
CA THR A 101 32.58 -25.57 -5.65
C THR A 101 31.73 -26.78 -5.27
N SER A 102 31.67 -27.14 -3.98
CA SER A 102 30.86 -28.28 -3.46
C SER A 102 29.38 -27.95 -3.65
N ILE A 103 28.65 -28.84 -4.34
CA ILE A 103 27.22 -28.69 -4.73
C ILE A 103 26.45 -29.80 -4.03
N ALA A 104 25.32 -29.47 -3.40
CA ALA A 104 24.41 -30.45 -2.75
C ALA A 104 24.03 -31.50 -3.80
N VAL A 105 24.38 -32.77 -3.53
CA VAL A 105 24.09 -33.92 -4.45
C VAL A 105 22.66 -34.39 -4.16
N LYS A 106 22.36 -34.57 -2.87
CA LYS A 106 21.04 -34.95 -2.35
C LYS A 106 20.81 -34.19 -1.04
N THR A 107 19.65 -33.53 -0.94
CA THR A 107 19.16 -32.88 0.30
C THR A 107 17.71 -33.33 0.48
N PRO A 108 17.22 -33.30 1.73
CA PRO A 108 18.06 -33.81 2.82
C PRO A 108 18.36 -35.30 2.80
N LEU A 109 19.25 -35.70 3.70
CA LEU A 109 19.61 -37.12 3.98
C LEU A 109 19.01 -37.49 5.33
N THR A 110 18.42 -38.68 5.44
CA THR A 110 18.10 -39.32 6.74
C THR A 110 19.39 -39.92 7.28
N GLU A 111 19.54 -40.01 8.60
CA GLU A 111 20.71 -40.65 9.23
C GLU A 111 20.93 -42.03 8.62
N VAL A 112 19.84 -42.73 8.30
CA VAL A 112 19.84 -44.05 7.60
C VAL A 112 20.67 -43.89 6.30
N GLN A 113 20.27 -42.96 5.43
CA GLN A 113 20.95 -42.66 4.15
C GLN A 113 22.38 -42.18 4.39
N VAL A 114 22.61 -41.40 5.46
CA VAL A 114 23.95 -40.87 5.85
C VAL A 114 24.86 -42.05 6.22
N ALA A 115 24.38 -42.94 7.08
CA ALA A 115 25.10 -44.15 7.55
C ALA A 115 25.37 -45.07 6.35
N ARG A 116 24.39 -45.27 5.48
CA ARG A 116 24.50 -46.13 4.27
C ARG A 116 25.65 -45.62 3.39
N PHE A 117 25.84 -44.30 3.33
CA PHE A 117 26.96 -43.67 2.59
C PHE A 117 28.27 -43.85 3.37
N ALA A 118 28.26 -43.51 4.66
CA ALA A 118 29.46 -43.48 5.53
C ALA A 118 30.31 -44.75 5.32
N VAL A 119 29.64 -45.90 5.26
CA VAL A 119 30.29 -47.25 5.10
C VAL A 119 30.90 -47.37 3.70
N ASN A 120 30.40 -46.61 2.72
CA ASN A 120 30.91 -46.56 1.31
C ASN A 120 31.67 -45.26 1.03
N GLN A 121 32.13 -44.55 2.07
CA GLN A 121 32.97 -43.34 1.92
C GLN A 121 34.19 -43.70 1.05
N PHE A 122 34.85 -44.83 1.36
CA PHE A 122 36.07 -45.33 0.66
C PHE A 122 35.81 -45.40 -0.85
N ARG A 123 34.61 -45.86 -1.25
CA ARG A 123 34.23 -46.08 -2.67
C ARG A 123 34.17 -44.77 -3.45
N PHE A 124 33.77 -43.67 -2.79
CA PHE A 124 33.49 -42.36 -3.44
C PHE A 124 34.38 -41.27 -2.81
N PRO A 125 35.60 -41.07 -3.34
CA PRO A 125 36.44 -39.97 -2.87
C PRO A 125 36.01 -38.67 -3.57
N GLY A 126 36.09 -37.54 -2.84
CA GLY A 126 35.62 -36.23 -3.32
C GLY A 126 34.12 -36.08 -3.16
N ILE A 127 33.45 -37.08 -2.59
CA ILE A 127 32.03 -37.00 -2.12
C ILE A 127 32.04 -37.16 -0.61
N GLU A 128 31.38 -36.25 0.11
CA GLU A 128 31.29 -36.28 1.59
C GLU A 128 29.89 -35.85 2.06
N VAL A 129 29.62 -36.07 3.34
CA VAL A 129 28.36 -35.69 4.03
C VAL A 129 28.64 -34.44 4.87
N LYS A 130 27.97 -33.34 4.54
CA LYS A 130 28.05 -32.06 5.30
C LYS A 130 26.81 -31.97 6.22
N GLY A 131 27.01 -31.50 7.46
CA GLY A 131 25.95 -31.25 8.45
C GLY A 131 25.72 -29.77 8.66
N TYR A 132 24.47 -29.32 8.59
CA TYR A 132 24.06 -27.90 8.74
C TYR A 132 22.97 -27.77 9.81
N GLN A 133 23.04 -26.70 10.62
CA GLN A 133 21.95 -26.27 11.52
C GLN A 133 20.90 -25.50 10.70
N ARG A 134 19.68 -26.05 10.61
CA ARG A 134 18.51 -25.38 9.97
C ARG A 134 17.43 -25.14 11.03
N ARG A 135 16.66 -24.06 10.88
CA ARG A 135 15.43 -23.80 11.68
C ARG A 135 14.34 -24.76 11.18
N PHE A 136 13.53 -25.27 12.11
CA PHE A 136 12.36 -26.15 11.82
C PHE A 136 11.13 -25.58 12.53
N TYR A 137 10.04 -25.39 11.78
CA TYR A 137 8.72 -24.93 12.28
C TYR A 137 7.76 -26.12 12.24
N PRO A 138 7.58 -26.83 13.37
CA PRO A 138 6.81 -28.07 13.40
C PRO A 138 5.28 -27.93 13.33
N TYR A 139 4.75 -26.70 13.23
CA TYR A 139 3.29 -26.45 13.06
C TYR A 139 3.03 -25.61 11.79
N GLY A 140 4.08 -25.13 11.13
CA GLY A 140 4.03 -24.58 9.76
C GLY A 140 3.01 -23.46 9.61
N SER A 141 1.99 -23.70 8.78
CA SER A 141 0.88 -22.76 8.44
C SER A 141 0.28 -22.12 9.71
N ALA A 142 0.19 -22.88 10.80
CA ALA A 142 -0.50 -22.48 12.05
C ALA A 142 0.08 -21.18 12.62
N LEU A 143 1.39 -20.94 12.50
CA LEU A 143 2.10 -19.82 13.18
C LEU A 143 2.92 -18.98 12.19
N THR A 144 2.63 -19.06 10.88
CA THR A 144 3.45 -18.40 9.81
C THR A 144 3.64 -16.91 10.14
N HIS A 145 2.54 -16.18 10.34
CA HIS A 145 2.50 -14.70 10.42
C HIS A 145 3.05 -14.22 11.77
N VAL A 146 2.87 -15.00 12.83
CA VAL A 146 3.32 -14.60 14.20
C VAL A 146 4.80 -14.98 14.36
N ILE A 147 5.15 -16.27 14.20
CA ILE A 147 6.56 -16.76 14.34
C ILE A 147 7.38 -16.16 13.20
N GLY A 148 6.81 -16.15 12.00
CA GLY A 148 7.54 -15.78 10.78
C GLY A 148 8.50 -16.87 10.37
N TYR A 149 9.67 -16.51 9.88
CA TYR A 149 10.68 -17.47 9.36
C TYR A 149 12.05 -16.80 9.26
N VAL A 150 13.09 -17.61 9.35
CA VAL A 150 14.47 -17.24 8.92
C VAL A 150 14.62 -17.67 7.46
N SER A 151 15.37 -16.90 6.67
CA SER A 151 15.64 -17.18 5.24
C SER A 151 17.13 -17.05 4.96
N LYS A 152 17.60 -17.72 3.91
CA LYS A 152 19.01 -17.70 3.44
C LYS A 152 19.43 -16.23 3.25
N ILE A 153 20.54 -15.85 3.87
CA ILE A 153 21.16 -14.49 3.73
C ILE A 153 21.68 -14.38 2.29
N ASN A 154 21.06 -13.50 1.49
CA ASN A 154 21.44 -13.24 0.07
C ASN A 154 22.39 -12.03 0.02
N ASP A 155 22.83 -11.65 -1.19
CA ASP A 155 23.89 -10.63 -1.45
C ASP A 155 23.45 -9.25 -0.92
N LYS A 156 22.14 -9.01 -0.81
CA LYS A 156 21.58 -7.73 -0.31
C LYS A 156 21.72 -7.70 1.23
N ASP A 157 21.39 -8.83 1.89
CA ASP A 157 21.42 -8.97 3.37
C ASP A 157 22.85 -8.80 3.90
N VAL A 158 23.86 -9.25 3.15
CA VAL A 158 25.30 -9.17 3.55
C VAL A 158 25.69 -7.69 3.65
N GLU A 159 25.31 -6.86 2.66
CA GLU A 159 25.61 -5.40 2.61
C GLU A 159 24.87 -4.70 3.76
N ARG A 160 23.60 -5.06 4.00
CA ARG A 160 22.78 -4.58 5.15
C ARG A 160 23.59 -4.74 6.46
N LEU A 161 24.13 -5.94 6.69
CA LEU A 161 24.83 -6.33 7.94
C LEU A 161 26.18 -5.62 8.04
N ASP A 162 26.81 -5.34 6.89
CA ASP A 162 28.10 -4.59 6.81
C ASP A 162 27.88 -3.16 7.33
N LYS A 163 26.87 -2.46 6.79
CA LYS A 163 26.50 -1.07 7.16
C LYS A 163 26.36 -0.96 8.69
N GLU A 164 25.57 -1.87 9.30
CA GLU A 164 25.27 -1.87 10.76
C GLU A 164 26.55 -2.18 11.54
N GLY A 165 27.48 -2.93 10.93
CA GLY A 165 28.83 -3.21 11.45
C GLY A 165 28.85 -4.39 12.39
N ILE A 166 28.08 -5.44 12.06
CA ILE A 166 27.99 -6.71 12.84
C ILE A 166 27.99 -7.91 11.88
N LEU A 167 28.52 -7.74 10.66
CA LEU A 167 28.76 -8.86 9.70
C LEU A 167 29.68 -9.88 10.36
N PRO A 168 30.72 -9.46 11.12
CA PRO A 168 31.55 -10.40 11.88
C PRO A 168 30.75 -11.45 12.66
N ASN A 169 29.66 -11.04 13.31
CA ASN A 169 28.81 -11.90 14.18
C ASN A 169 27.99 -12.87 13.31
N TYR A 170 27.82 -12.59 12.02
CA TYR A 170 27.04 -13.41 11.05
C TYR A 170 27.98 -14.09 10.06
N ALA A 171 29.28 -14.11 10.36
CA ALA A 171 30.36 -14.70 9.52
C ALA A 171 30.04 -16.17 9.21
N ALA A 172 29.50 -16.91 10.18
CA ALA A 172 29.22 -18.36 10.09
C ALA A 172 27.72 -18.64 9.91
N THR A 173 26.85 -17.62 9.99
CA THR A 173 25.37 -17.76 9.98
C THR A 173 24.85 -17.68 8.53
N HIS A 174 24.11 -18.71 8.12
N HIS A 174 24.12 -18.71 8.10
CA HIS A 174 23.61 -18.93 6.73
CA HIS A 174 23.63 -18.87 6.69
C HIS A 174 22.20 -18.34 6.57
C HIS A 174 22.19 -18.34 6.57
N ASP A 175 21.41 -18.34 7.65
CA ASP A 175 20.00 -17.88 7.69
C ASP A 175 19.86 -16.65 8.61
N ILE A 176 18.84 -15.83 8.39
CA ILE A 176 18.47 -14.65 9.23
C ILE A 176 16.94 -14.55 9.32
N GLY A 177 16.43 -13.93 10.38
CA GLY A 177 14.99 -13.63 10.57
C GLY A 177 14.51 -12.58 9.57
N LYS A 178 13.44 -12.88 8.83
CA LYS A 178 12.89 -11.97 7.78
C LYS A 178 11.40 -11.68 8.01
N LEU A 179 10.74 -12.39 8.93
CA LEU A 179 9.30 -12.20 9.21
C LEU A 179 8.99 -12.50 10.68
N GLY A 180 7.96 -11.84 11.21
CA GLY A 180 7.36 -12.10 12.53
C GLY A 180 8.38 -12.00 13.66
N ILE A 181 8.25 -12.90 14.63
CA ILE A 181 9.10 -12.95 15.87
C ILE A 181 10.55 -13.19 15.46
N GLU A 182 10.78 -14.09 14.50
CA GLU A 182 12.14 -14.43 13.99
C GLU A 182 12.84 -13.14 13.59
N ARG A 183 12.17 -12.26 12.84
CA ARG A 183 12.75 -10.96 12.41
C ARG A 183 12.83 -10.00 13.61
N TYR A 184 11.72 -9.77 14.31
CA TYR A 184 11.61 -8.73 15.35
C TYR A 184 12.67 -8.97 16.44
N TYR A 185 12.88 -10.22 16.83
CA TYR A 185 13.71 -10.62 18.01
C TYR A 185 15.02 -11.27 17.56
N GLU A 186 15.47 -10.97 16.34
CA GLU A 186 16.74 -11.49 15.75
C GLU A 186 17.89 -11.24 16.73
N SER A 187 18.16 -9.98 17.09
CA SER A 187 19.27 -9.58 18.00
C SER A 187 19.30 -10.50 19.22
N THR A 188 18.15 -10.84 19.81
CA THR A 188 18.03 -11.70 21.00
C THR A 188 18.32 -13.16 20.61
N LEU A 189 17.70 -13.65 19.54
CA LEU A 189 17.69 -15.08 19.14
C LEU A 189 19.05 -15.53 18.59
N HIS A 190 19.87 -14.61 18.10
CA HIS A 190 21.07 -14.96 17.29
C HIS A 190 22.24 -15.37 18.19
N GLY A 191 22.50 -14.61 19.25
CA GLY A 191 23.60 -14.87 20.20
C GLY A 191 24.94 -14.45 19.60
N LYS A 192 26.04 -14.79 20.29
CA LYS A 192 27.42 -14.31 20.03
C LYS A 192 28.21 -15.40 19.30
N THR A 193 28.79 -15.06 18.14
CA THR A 193 29.57 -15.96 17.25
C THR A 193 30.89 -16.34 17.93
N GLY A 194 31.36 -17.58 17.69
CA GLY A 194 32.60 -18.13 18.26
C GLY A 194 33.74 -18.14 17.25
N TYR A 195 34.97 -18.32 17.74
CA TYR A 195 36.22 -18.28 16.95
C TYR A 195 37.13 -19.38 17.48
N GLU A 196 38.00 -19.93 16.62
CA GLU A 196 38.85 -21.10 16.94
C GLU A 196 40.19 -20.96 16.22
N GLU A 197 41.30 -21.02 16.97
CA GLU A 197 42.68 -20.96 16.41
C GLU A 197 43.15 -22.39 16.18
N VAL A 198 43.36 -22.79 14.92
CA VAL A 198 43.74 -24.18 14.52
C VAL A 198 44.79 -24.12 13.41
N GLU A 212 40.30 -22.53 21.25
CA GLU A 212 38.87 -22.33 20.88
C GLU A 212 38.25 -21.27 21.80
N GLN A 213 37.53 -20.31 21.21
CA GLN A 213 36.59 -19.38 21.91
C GLN A 213 35.16 -19.82 21.59
N PRO A 214 34.44 -20.47 22.52
CA PRO A 214 33.12 -21.02 22.24
C PRO A 214 32.09 -19.93 21.94
N PRO A 215 31.06 -20.24 21.11
CA PRO A 215 29.99 -19.28 20.85
C PRO A 215 28.96 -19.31 21.98
N GLN A 216 28.37 -18.15 22.30
CA GLN A 216 27.20 -18.04 23.20
C GLN A 216 25.93 -18.25 22.37
N ALA A 217 25.12 -19.26 22.71
CA ALA A 217 23.84 -19.57 22.04
C ALA A 217 22.91 -18.35 22.12
N GLY A 218 22.00 -18.21 21.18
CA GLY A 218 20.93 -17.19 21.23
C GLY A 218 20.02 -17.43 22.44
N LYS A 219 19.51 -16.36 23.05
CA LYS A 219 18.61 -16.42 24.24
C LYS A 219 17.27 -16.99 23.79
N ASP A 220 16.63 -17.81 24.64
CA ASP A 220 15.37 -18.52 24.31
C ASP A 220 14.19 -17.61 24.63
N ILE A 221 13.12 -17.69 23.81
CA ILE A 221 11.93 -16.79 23.85
C ILE A 221 10.71 -17.62 24.26
N TYR A 222 10.03 -17.22 25.32
CA TYR A 222 8.69 -17.72 25.70
C TYR A 222 7.66 -16.66 25.29
N LEU A 223 6.71 -17.06 24.45
CA LEU A 223 5.60 -16.22 23.94
C LEU A 223 4.39 -16.34 24.88
N THR A 224 3.47 -15.39 24.76
CA THR A 224 2.16 -15.34 25.46
C THR A 224 1.15 -16.23 24.74
N LEU A 225 1.49 -16.67 23.52
CA LEU A 225 0.54 -17.33 22.58
C LEU A 225 0.19 -18.72 23.11
N ASP A 226 -1.07 -19.13 22.92
CA ASP A 226 -1.58 -20.48 23.26
C ASP A 226 -1.65 -21.28 21.96
N LEU A 227 -0.79 -22.27 21.79
CA LEU A 227 -0.68 -23.06 20.53
C LEU A 227 -2.03 -23.71 20.21
N SER A 228 -2.67 -24.31 21.20
CA SER A 228 -3.97 -25.04 21.05
C SER A 228 -5.04 -24.09 20.50
N LEU A 229 -5.26 -22.96 21.19
CA LEU A 229 -6.23 -21.89 20.81
C LEU A 229 -5.98 -21.48 19.35
N GLN A 230 -4.72 -21.20 18.99
CA GLN A 230 -4.33 -20.78 17.62
C GLN A 230 -4.87 -21.82 16.62
N ILE A 231 -4.59 -23.11 16.85
CA ILE A 231 -5.02 -24.21 15.93
C ILE A 231 -6.56 -24.21 15.87
N TYR A 232 -7.20 -24.13 17.02
CA TYR A 232 -8.69 -24.15 17.17
C TYR A 232 -9.30 -23.05 16.28
N ILE A 233 -8.90 -21.80 16.52
CA ILE A 233 -9.38 -20.61 15.77
C ILE A 233 -9.23 -20.88 14.27
N GLU A 234 -8.05 -21.33 13.84
CA GLU A 234 -7.72 -21.61 12.42
C GLU A 234 -8.68 -22.68 11.87
N LYS A 235 -8.99 -23.70 12.66
CA LYS A 235 -10.01 -24.73 12.33
C LYS A 235 -11.33 -24.02 12.01
N LEU A 236 -11.81 -23.20 12.94
CA LEU A 236 -13.11 -22.48 12.83
C LEU A 236 -13.10 -21.57 11.60
N LEU A 237 -11.93 -21.01 11.24
CA LEU A 237 -11.78 -19.98 10.18
C LEU A 237 -11.55 -20.61 8.80
N SER A 238 -11.35 -21.94 8.71
CA SER A 238 -11.06 -22.66 7.45
C SER A 238 -11.99 -22.14 6.34
N GLY A 239 -11.45 -21.89 5.14
CA GLY A 239 -12.20 -21.36 3.98
C GLY A 239 -12.29 -19.84 4.01
N SER A 240 -12.45 -19.24 5.19
CA SER A 240 -12.61 -17.77 5.38
C SER A 240 -11.26 -17.07 5.21
N ARG A 241 -11.25 -15.95 4.47
CA ARG A 241 -10.18 -14.92 4.51
C ARG A 241 -10.51 -13.98 5.68
N ALA A 242 -9.77 -14.08 6.79
CA ALA A 242 -10.12 -13.46 8.08
C ALA A 242 -8.88 -13.10 8.88
N ALA A 243 -9.08 -12.37 9.98
CA ALA A 243 -8.08 -12.02 11.01
C ALA A 243 -8.72 -12.21 12.38
N VAL A 244 -7.96 -12.70 13.35
CA VAL A 244 -8.43 -12.85 14.76
C VAL A 244 -7.27 -12.54 15.71
N VAL A 245 -7.47 -11.58 16.61
CA VAL A 245 -6.60 -11.33 17.78
C VAL A 245 -7.39 -11.69 19.03
N VAL A 246 -6.87 -12.63 19.83
CA VAL A 246 -7.32 -12.90 21.22
C VAL A 246 -6.22 -12.40 22.16
N THR A 247 -6.60 -11.62 23.18
CA THR A 247 -5.66 -10.99 24.15
C THR A 247 -6.16 -11.20 25.59
N ASP A 248 -5.24 -11.12 26.55
CA ASP A 248 -5.50 -11.07 28.01
C ASP A 248 -5.48 -9.60 28.43
N PRO A 249 -6.65 -8.96 28.65
CA PRO A 249 -6.71 -7.51 28.82
C PRO A 249 -5.94 -7.01 30.05
N ARG A 250 -5.56 -7.93 30.94
CA ARG A 250 -4.83 -7.62 32.19
C ARG A 250 -3.36 -7.35 31.89
N THR A 251 -2.80 -8.03 30.89
CA THR A 251 -1.34 -8.00 30.56
C THR A 251 -1.11 -7.23 29.24
N GLY A 252 -2.01 -7.41 28.26
CA GLY A 252 -1.79 -7.01 26.86
C GLY A 252 -1.23 -8.15 26.05
N GLY A 253 -0.90 -9.28 26.70
CA GLY A 253 -0.34 -10.48 26.06
C GLY A 253 -1.32 -11.08 25.07
N ILE A 254 -0.83 -11.42 23.88
CA ILE A 254 -1.64 -11.97 22.75
C ILE A 254 -1.68 -13.50 22.90
N LEU A 255 -2.86 -14.07 23.13
CA LEU A 255 -3.07 -15.54 23.29
C LEU A 255 -3.18 -16.20 21.90
N ALA A 256 -3.63 -15.47 20.88
CA ALA A 256 -3.74 -15.98 19.50
C ALA A 256 -3.80 -14.83 18.50
N LEU A 257 -3.08 -14.95 17.38
CA LEU A 257 -3.04 -13.96 16.29
C LEU A 257 -3.03 -14.73 14.96
N VAL A 258 -4.13 -14.66 14.21
CA VAL A 258 -4.43 -15.58 13.08
C VAL A 258 -4.81 -14.75 11.86
N SER A 259 -4.06 -14.88 10.75
CA SER A 259 -4.41 -14.32 9.43
C SER A 259 -4.60 -15.46 8.44
N ASN A 260 -5.78 -15.55 7.83
CA ASN A 260 -6.19 -16.66 6.92
C ASN A 260 -6.44 -16.05 5.54
N PRO A 261 -5.93 -16.66 4.44
CA PRO A 261 -5.17 -17.90 4.49
C PRO A 261 -3.68 -17.72 4.83
N SER A 262 -3.04 -18.77 5.33
CA SER A 262 -1.60 -18.80 5.68
C SER A 262 -0.79 -19.40 4.52
N TYR A 263 0.50 -19.67 4.76
CA TYR A 263 1.41 -20.42 3.86
C TYR A 263 2.41 -21.22 4.70
N ASP A 264 3.18 -22.08 4.05
CA ASP A 264 4.19 -22.96 4.70
C ASP A 264 5.45 -22.15 4.96
N PRO A 265 5.77 -21.80 6.23
CA PRO A 265 6.93 -20.97 6.53
C PRO A 265 8.24 -21.64 6.10
N ASN A 266 8.23 -22.98 6.04
CA ASN A 266 9.39 -23.85 5.70
C ASN A 266 10.01 -23.43 4.36
N LEU A 267 9.18 -23.16 3.35
CA LEU A 267 9.63 -22.85 1.96
C LEU A 267 10.70 -21.75 1.98
N PHE A 268 10.51 -20.73 2.83
CA PHE A 268 11.37 -19.52 2.91
C PHE A 268 12.68 -19.87 3.62
N VAL A 269 12.68 -20.92 4.46
CA VAL A 269 13.90 -21.41 5.18
C VAL A 269 14.87 -22.00 4.15
N ASP A 270 14.34 -22.86 3.26
CA ASP A 270 15.12 -23.61 2.24
C ASP A 270 15.31 -22.76 0.98
N GLY A 271 15.62 -21.47 1.14
CA GLY A 271 15.79 -20.50 0.03
C GLY A 271 14.67 -20.60 -0.99
N ILE A 272 13.56 -19.92 -0.74
CA ILE A 272 12.27 -19.98 -1.51
C ILE A 272 12.52 -19.89 -3.02
N SER A 273 11.90 -20.81 -3.78
CA SER A 273 11.89 -20.89 -5.26
C SER A 273 11.09 -19.73 -5.86
N ASN A 274 11.77 -18.85 -6.61
CA ASN A 274 11.17 -17.72 -7.37
C ASN A 274 9.83 -18.10 -8.01
N LYS A 275 9.72 -19.32 -8.57
CA LYS A 275 8.50 -19.80 -9.28
C LYS A 275 7.31 -19.82 -8.29
N ASP A 276 7.50 -20.43 -7.11
CA ASP A 276 6.49 -20.61 -6.03
C ASP A 276 6.19 -19.29 -5.30
N TYR A 277 7.19 -18.43 -5.14
CA TYR A 277 7.07 -17.07 -4.52
C TYR A 277 6.00 -16.28 -5.27
N GLN A 278 6.16 -16.17 -6.60
CA GLN A 278 5.23 -15.47 -7.52
C GLN A 278 3.87 -16.17 -7.51
N GLY A 279 3.83 -17.45 -7.11
CA GLY A 279 2.59 -18.21 -6.89
C GLY A 279 1.76 -17.65 -5.76
N LEU A 280 2.44 -17.18 -4.70
CA LEU A 280 1.82 -16.53 -3.51
C LEU A 280 1.43 -15.09 -3.84
N LEU A 281 2.29 -14.35 -4.56
CA LEU A 281 2.11 -12.93 -4.94
C LEU A 281 0.92 -12.76 -5.90
N ASN A 282 0.49 -13.84 -6.54
CA ASN A 282 -0.61 -13.83 -7.55
C ASN A 282 -1.88 -14.45 -6.96
N ASP A 283 -1.79 -15.17 -5.84
CA ASP A 283 -2.98 -15.70 -5.12
C ASP A 283 -3.87 -14.51 -4.79
N THR A 284 -5.15 -14.58 -5.17
CA THR A 284 -6.14 -13.47 -5.04
C THR A 284 -6.52 -13.33 -3.57
N ASN A 285 -6.25 -14.34 -2.74
CA ASN A 285 -6.49 -14.33 -1.28
C ASN A 285 -5.22 -13.88 -0.54
N ARG A 286 -4.26 -13.28 -1.27
CA ARG A 286 -3.05 -12.60 -0.72
C ARG A 286 -2.70 -13.15 0.67
N PRO A 287 -2.19 -14.40 0.78
CA PRO A 287 -1.85 -14.99 2.08
C PRO A 287 -0.56 -14.44 2.70
N LEU A 288 0.24 -13.70 1.93
CA LEU A 288 1.49 -13.05 2.44
C LEU A 288 1.13 -11.93 3.43
N ILE A 289 -0.04 -11.32 3.26
CA ILE A 289 -0.56 -10.23 4.14
C ILE A 289 -0.88 -10.83 5.52
N ASN A 290 -0.33 -10.21 6.57
CA ASN A 290 -0.78 -10.38 7.98
C ASN A 290 -2.01 -9.49 8.20
N ARG A 291 -3.21 -10.02 7.96
CA ARG A 291 -4.50 -9.29 8.07
C ARG A 291 -4.69 -8.71 9.48
N ALA A 292 -4.19 -9.40 10.51
CA ALA A 292 -4.24 -8.95 11.92
C ALA A 292 -3.59 -7.56 12.05
N THR A 293 -2.44 -7.34 11.43
CA THR A 293 -1.57 -6.16 11.68
C THR A 293 -1.43 -5.26 10.44
N GLN A 294 -1.77 -5.75 9.25
CA GLN A 294 -1.59 -5.03 7.97
C GLN A 294 -2.92 -4.87 7.25
N GLY A 295 -3.88 -5.75 7.54
CA GLY A 295 -5.27 -5.63 7.07
C GLY A 295 -5.87 -4.30 7.51
N VAL A 296 -6.18 -3.44 6.57
CA VAL A 296 -6.74 -2.08 6.82
C VAL A 296 -8.22 -2.10 6.41
N TYR A 297 -9.11 -1.95 7.40
CA TYR A 297 -10.58 -2.11 7.27
C TYR A 297 -11.28 -0.90 7.87
N PRO A 298 -12.46 -0.48 7.35
CA PRO A 298 -13.29 0.50 8.06
C PRO A 298 -13.79 -0.16 9.35
N PRO A 299 -13.50 0.42 10.52
CA PRO A 299 -13.82 -0.24 11.79
C PRO A 299 -15.34 -0.25 12.03
N ALA A 300 -16.04 0.71 11.42
CA ALA A 300 -17.52 0.74 11.32
C ALA A 300 -18.13 0.72 12.72
N THR A 302 -17.85 -0.93 15.42
CA THR A 302 -17.04 -1.25 16.59
C THR A 302 -16.55 0.01 17.30
N VAL A 303 -16.56 1.17 16.64
CA VAL A 303 -15.95 2.42 17.22
C VAL A 303 -16.94 3.09 18.19
N LYS A 304 -18.22 2.71 18.15
CA LYS A 304 -19.31 3.44 18.85
C LYS A 304 -19.02 3.52 20.34
N PRO A 305 -18.58 2.42 21.01
CA PRO A 305 -18.17 2.49 22.41
C PRO A 305 -17.09 3.54 22.73
N TYR A 306 -16.09 3.71 21.86
CA TYR A 306 -14.94 4.62 22.12
C TYR A 306 -15.40 6.06 21.86
N ILE A 307 -16.27 6.27 20.88
CA ILE A 307 -16.91 7.60 20.59
C ILE A 307 -17.83 7.98 21.76
N ALA A 308 -18.62 7.03 22.26
CA ALA A 308 -19.50 7.20 23.45
C ALA A 308 -18.67 7.81 24.58
N VAL A 309 -17.62 7.12 25.04
CA VAL A 309 -16.73 7.55 26.15
C VAL A 309 -16.22 8.97 25.85
N SER A 310 -15.82 9.23 24.61
CA SER A 310 -15.18 10.51 24.18
C SER A 310 -16.21 11.64 24.26
N ALA A 311 -17.43 11.41 23.77
CA ALA A 311 -18.55 12.37 23.80
C ALA A 311 -18.92 12.70 25.25
N LEU A 312 -19.03 11.68 26.09
CA LEU A 312 -19.28 11.84 27.55
C LEU A 312 -18.17 12.71 28.17
N SER A 313 -16.91 12.37 27.91
CA SER A 313 -15.71 13.00 28.54
C SER A 313 -15.57 14.46 28.10
N ALA A 314 -16.08 14.81 26.91
CA ALA A 314 -16.07 16.20 26.38
C ALA A 314 -17.36 16.93 26.79
N GLY A 315 -18.29 16.23 27.42
CA GLY A 315 -19.58 16.79 27.87
C GLY A 315 -20.50 17.15 26.71
N VAL A 316 -20.25 16.59 25.52
CA VAL A 316 -21.13 16.76 24.33
C VAL A 316 -22.42 15.97 24.56
N ILE A 317 -22.35 14.94 25.41
CA ILE A 317 -23.54 14.17 25.91
C ILE A 317 -23.31 13.74 27.36
N THR A 318 -24.37 13.27 28.00
CA THR A 318 -24.40 12.70 29.37
C THR A 318 -25.24 11.42 29.35
N LYS A 319 -25.17 10.62 30.41
CA LYS A 319 -26.04 9.44 30.67
C LYS A 319 -27.49 9.76 30.29
N ASN A 320 -27.95 10.99 30.59
CA ASN A 320 -29.35 11.47 30.46
C ASN A 320 -29.68 11.86 29.02
N THR A 321 -28.70 12.41 28.29
CA THR A 321 -28.87 12.96 26.92
C THR A 321 -29.74 12.00 26.10
N SER A 322 -30.83 12.51 25.55
CA SER A 322 -31.84 11.72 24.79
C SER A 322 -32.19 12.46 23.50
N LEU A 323 -32.78 11.72 22.56
CA LEU A 323 -32.94 12.12 21.14
C LEU A 323 -33.93 11.13 20.50
N PHE A 324 -34.74 11.58 19.54
CA PHE A 324 -35.72 10.72 18.83
C PHE A 324 -35.22 10.44 17.40
N ASP A 325 -35.15 9.16 17.04
CA ASP A 325 -34.64 8.69 15.72
C ASP A 325 -35.82 8.24 14.87
N PRO A 326 -36.17 8.99 13.80
CA PRO A 326 -37.16 8.53 12.83
C PRO A 326 -36.63 7.49 11.83
N GLY A 327 -35.33 7.20 11.88
CA GLY A 327 -34.63 6.26 10.97
C GLY A 327 -33.70 6.97 10.01
N TRP A 328 -33.57 8.29 10.15
CA TRP A 328 -32.66 9.14 9.33
C TRP A 328 -32.19 10.32 10.20
N TRP A 329 -31.22 11.08 9.69
CA TRP A 329 -30.65 12.28 10.34
C TRP A 329 -30.31 13.29 9.24
N GLN A 330 -30.78 14.53 9.38
CA GLN A 330 -30.56 15.61 8.40
C GLN A 330 -29.40 16.48 8.87
N LEU A 331 -28.41 16.70 7.99
CA LEU A 331 -27.38 17.74 8.20
C LEU A 331 -28.11 19.08 8.23
N PRO A 332 -28.04 19.86 9.34
CA PRO A 332 -28.90 21.04 9.50
C PRO A 332 -28.71 22.04 8.35
N GLY A 333 -29.83 22.55 7.83
CA GLY A 333 -29.86 23.57 6.76
C GLY A 333 -29.85 22.95 5.38
N SER A 334 -29.03 21.92 5.13
CA SER A 334 -29.01 21.14 3.87
C SER A 334 -30.18 20.16 3.86
N GLU A 335 -30.49 19.54 2.72
CA GLU A 335 -31.54 18.49 2.59
C GLU A 335 -30.92 17.09 2.70
N LYS A 336 -29.58 17.00 2.76
CA LYS A 336 -28.80 15.74 2.88
C LYS A 336 -29.26 14.95 4.10
N ARG A 337 -29.84 13.75 3.86
CA ARG A 337 -30.31 12.82 4.92
C ARG A 337 -29.36 11.61 5.00
N TYR A 338 -28.80 11.37 6.19
CA TYR A 338 -28.03 10.15 6.53
C TYR A 338 -28.99 9.15 7.21
N ARG A 339 -29.09 7.94 6.67
CA ARG A 339 -30.05 6.89 7.11
C ARG A 339 -29.45 6.09 8.27
N ASP A 340 -30.32 5.48 9.09
CA ASP A 340 -29.98 4.47 10.12
C ASP A 340 -30.12 3.09 9.48
N TRP A 341 -29.64 2.03 10.13
CA TRP A 341 -29.78 0.63 9.61
C TRP A 341 -31.24 0.18 9.73
N LYS A 342 -31.93 0.60 10.79
CA LYS A 342 -33.40 0.46 10.98
C LYS A 342 -34.11 1.56 10.18
N LYS A 343 -34.90 1.18 9.16
CA LYS A 343 -35.55 2.10 8.18
C LYS A 343 -36.42 3.13 8.91
N TRP A 344 -37.23 2.68 9.87
CA TRP A 344 -38.21 3.54 10.58
C TRP A 344 -37.65 3.98 11.94
N GLY A 345 -36.41 3.59 12.27
CA GLY A 345 -35.64 4.18 13.38
C GLY A 345 -35.78 3.40 14.68
N HIS A 346 -35.06 3.83 15.73
CA HIS A 346 -35.01 3.18 17.06
C HIS A 346 -35.91 3.93 18.06
N GLY A 347 -36.53 5.03 17.62
CA GLY A 347 -37.34 5.92 18.47
C GLY A 347 -36.47 6.68 19.46
N ARG A 348 -36.88 6.77 20.72
CA ARG A 348 -36.14 7.51 21.78
C ARG A 348 -34.84 6.75 22.09
N LEU A 349 -33.72 7.47 22.07
CA LEU A 349 -32.35 6.92 22.21
C LEU A 349 -31.56 7.74 23.24
N ASN A 350 -30.89 7.05 24.16
CA ASN A 350 -29.71 7.57 24.91
C ASN A 350 -28.51 6.70 24.50
N VAL A 351 -27.29 7.06 24.93
CA VAL A 351 -26.05 6.30 24.61
C VAL A 351 -26.34 4.80 24.72
N THR A 352 -26.88 4.37 25.86
CA THR A 352 -26.99 2.95 26.28
C THR A 352 -27.85 2.19 25.28
N LYS A 353 -29.00 2.75 24.90
CA LYS A 353 -29.90 2.12 23.91
C LYS A 353 -29.18 2.12 22.54
N ALA A 354 -28.52 3.22 22.19
CA ALA A 354 -27.86 3.44 20.89
C ALA A 354 -26.71 2.43 20.68
N LEU A 355 -26.00 2.06 21.75
CA LEU A 355 -24.95 0.99 21.68
C LEU A 355 -25.61 -0.37 21.50
N GLU A 356 -26.49 -0.76 22.44
CA GLU A 356 -27.28 -2.02 22.39
C GLU A 356 -27.75 -2.29 20.96
N GLU A 357 -28.44 -1.31 20.36
CA GLU A 357 -29.14 -1.48 19.06
C GLU A 357 -28.24 -1.00 17.91
N SER A 358 -27.04 -0.49 18.22
CA SER A 358 -26.09 0.08 17.22
C SER A 358 -26.80 1.13 16.36
N ALA A 359 -27.53 2.04 16.98
CA ALA A 359 -28.25 3.16 16.31
C ALA A 359 -27.20 4.08 15.66
N ASP A 360 -27.42 4.46 14.41
CA ASP A 360 -26.50 5.34 13.63
C ASP A 360 -26.87 6.81 13.87
N THR A 361 -28.17 7.12 13.86
CA THR A 361 -28.73 8.48 14.04
C THR A 361 -28.10 9.14 15.28
N PHE A 362 -28.08 8.42 16.41
CA PHE A 362 -27.52 8.93 17.69
C PHE A 362 -26.09 9.45 17.45
N PHE A 363 -25.28 8.65 16.76
CA PHE A 363 -23.82 8.87 16.61
C PHE A 363 -23.54 9.89 15.48
N TYR A 364 -24.44 10.00 14.49
CA TYR A 364 -24.39 11.11 13.48
C TYR A 364 -24.44 12.43 14.24
N GLN A 365 -25.41 12.56 15.16
CA GLN A 365 -25.60 13.74 16.03
C GLN A 365 -24.34 14.00 16.84
N VAL A 366 -23.86 12.97 17.56
CA VAL A 366 -22.65 13.06 18.43
C VAL A 366 -21.48 13.60 17.59
N ALA A 367 -21.27 13.02 16.40
CA ALA A 367 -20.15 13.36 15.49
C ALA A 367 -20.26 14.83 15.07
N TYR A 368 -21.46 15.28 14.68
CA TYR A 368 -21.73 16.69 14.29
C TYR A 368 -21.31 17.62 15.43
N ASP A 369 -21.76 17.33 16.65
CA ASP A 369 -21.60 18.22 17.83
C ASP A 369 -20.14 18.21 18.28
N MET A 370 -19.53 17.03 18.35
CA MET A 370 -18.08 16.83 18.66
C MET A 370 -17.24 17.62 17.65
N GLY A 371 -17.57 17.48 16.36
CA GLY A 371 -16.76 18.02 15.25
C GLY A 371 -15.50 17.20 15.06
N ILE A 372 -14.92 17.21 13.85
CA ILE A 372 -13.80 16.30 13.48
C ILE A 372 -12.60 16.57 14.39
N ASP A 373 -12.27 17.82 14.69
CA ASP A 373 -11.01 18.18 15.41
C ASP A 373 -10.89 17.32 16.66
N ARG A 374 -11.88 17.35 17.55
CA ARG A 374 -11.75 16.68 18.88
C ARG A 374 -12.31 15.24 18.80
N LEU A 375 -13.11 14.91 17.79
CA LEU A 375 -13.50 13.50 17.51
C LEU A 375 -12.24 12.73 17.10
N SER A 376 -11.45 13.31 16.19
CA SER A 376 -10.15 12.80 15.71
C SER A 376 -9.17 12.64 16.89
N SER A 377 -8.89 13.74 17.58
CA SER A 377 -7.95 13.81 18.74
C SER A 377 -8.28 12.72 19.75
N TRP A 378 -9.57 12.47 20.02
CA TRP A 378 -10.02 11.45 21.01
C TRP A 378 -9.70 10.05 20.50
N MET A 379 -9.96 9.77 19.23
CA MET A 379 -9.77 8.42 18.63
C MET A 379 -8.26 8.10 18.50
N SER A 380 -7.42 9.13 18.36
CA SER A 380 -5.95 8.99 18.39
C SER A 380 -5.50 8.47 19.77
N LYS A 381 -6.06 9.04 20.84
CA LYS A 381 -5.78 8.61 22.24
C LYS A 381 -6.06 7.11 22.38
N PHE A 382 -7.04 6.57 21.64
CA PHE A 382 -7.40 5.12 21.63
C PHE A 382 -6.49 4.32 20.68
N GLY A 383 -5.64 5.02 19.91
CA GLY A 383 -4.57 4.42 19.11
C GLY A 383 -4.91 4.35 17.63
N TYR A 384 -6.13 4.75 17.23
CA TYR A 384 -6.54 4.75 15.81
C TYR A 384 -5.61 5.72 15.07
N GLY A 385 -5.11 5.31 13.90
CA GLY A 385 -4.16 6.06 13.08
C GLY A 385 -2.72 5.81 13.48
N GLU A 386 -2.50 5.11 14.60
CA GLU A 386 -1.19 4.93 15.28
C GLU A 386 -0.78 3.46 15.29
N TYR A 387 0.53 3.19 15.31
CA TYR A 387 1.13 1.83 15.42
C TYR A 387 0.93 1.33 16.86
N THR A 388 0.42 0.12 17.02
CA THR A 388 -0.06 -0.43 18.31
C THR A 388 1.09 -0.66 19.30
N GLY A 389 2.32 -0.84 18.80
CA GLY A 389 3.50 -1.12 19.64
C GLY A 389 3.74 -2.61 19.83
N ILE A 390 2.93 -3.44 19.17
CA ILE A 390 3.10 -4.92 19.10
C ILE A 390 4.54 -5.24 18.70
N ASP A 391 5.09 -6.36 19.16
CA ASP A 391 6.47 -6.79 18.84
C ASP A 391 6.48 -7.62 17.54
N LEU A 392 5.99 -7.00 16.46
CA LEU A 392 6.04 -7.50 15.06
C LEU A 392 6.39 -6.32 14.15
N SER A 393 7.23 -6.53 13.13
CA SER A 393 7.65 -5.45 12.20
C SER A 393 6.62 -5.28 11.08
N GLU A 394 5.82 -6.31 10.78
CA GLU A 394 4.76 -6.26 9.73
C GLU A 394 3.51 -5.60 10.33
N GLU A 395 3.26 -4.32 10.01
CA GLU A 395 2.13 -3.52 10.57
C GLU A 395 1.86 -2.28 9.71
N ARG A 396 0.58 -2.02 9.39
CA ARG A 396 0.11 -0.73 8.82
C ARG A 396 -0.62 0.04 9.93
N ALA A 397 -0.70 1.37 9.78
CA ALA A 397 -1.27 2.29 10.80
C ALA A 397 -2.69 2.72 10.43
N GLY A 398 -3.19 2.31 9.27
CA GLY A 398 -4.50 2.76 8.74
C GLY A 398 -4.59 4.27 8.78
N LEU A 399 -5.81 4.82 8.84
CA LEU A 399 -6.03 6.29 8.83
C LEU A 399 -7.10 6.67 9.85
N MET A 400 -6.78 7.61 10.76
CA MET A 400 -7.78 8.38 11.53
C MET A 400 -7.81 9.79 10.95
N PRO A 401 -8.83 10.12 10.13
CA PRO A 401 -8.81 11.36 9.35
C PRO A 401 -8.76 12.63 10.19
N THR A 402 -8.23 13.70 9.58
CA THR A 402 -7.90 15.00 10.20
C THR A 402 -8.11 16.10 9.16
N ARG A 403 -8.42 17.33 9.59
CA ARG A 403 -8.39 18.53 8.70
C ARG A 403 -7.04 18.56 7.99
N GLU A 404 -5.98 18.71 8.78
CA GLU A 404 -4.56 18.82 8.35
C GLU A 404 -4.26 17.72 7.33
N TRP A 405 -4.73 16.49 7.59
CA TRP A 405 -4.50 15.32 6.70
C TRP A 405 -5.14 15.57 5.34
N LYS A 406 -6.39 16.06 5.29
CA LYS A 406 -7.14 16.22 4.03
C LYS A 406 -6.54 17.37 3.20
N GLN A 407 -5.97 18.38 3.85
CA GLN A 407 -5.30 19.52 3.17
C GLN A 407 -3.96 19.03 2.60
N LYS A 408 -3.15 18.35 3.40
CA LYS A 408 -1.88 17.71 2.97
C LYS A 408 -2.15 16.76 1.80
N ARG A 409 -3.13 15.87 1.94
CA ARG A 409 -3.37 14.73 1.02
C ARG A 409 -4.06 15.22 -0.26
N HIS A 410 -5.23 15.84 -0.13
CA HIS A 410 -6.16 16.14 -1.25
C HIS A 410 -6.20 17.64 -1.56
N LYS A 411 -5.43 18.47 -0.84
CA LYS A 411 -5.35 19.94 -1.03
C LYS A 411 -6.76 20.52 -1.08
N LYS A 412 -7.57 20.21 -0.05
CA LYS A 412 -8.99 20.66 0.08
C LYS A 412 -9.32 20.87 1.56
N PRO A 413 -10.34 21.69 1.87
CA PRO A 413 -10.75 21.90 3.26
C PRO A 413 -11.67 20.76 3.74
N TRP A 414 -11.94 20.72 5.06
CA TRP A 414 -12.81 19.70 5.69
C TRP A 414 -14.26 20.18 5.67
N TYR A 415 -15.12 19.48 4.93
CA TYR A 415 -16.58 19.77 4.82
C TYR A 415 -17.30 19.04 5.95
N GLN A 416 -18.39 19.63 6.45
CA GLN A 416 -19.20 19.08 7.57
C GLN A 416 -19.66 17.67 7.22
N GLY A 417 -19.97 17.43 5.95
CA GLY A 417 -20.41 16.13 5.40
C GLY A 417 -19.35 15.06 5.58
N ASP A 418 -18.07 15.42 5.71
CA ASP A 418 -16.93 14.50 5.95
C ASP A 418 -16.93 14.05 7.42
N THR A 419 -17.36 14.90 8.36
CA THR A 419 -17.37 14.59 9.82
C THR A 419 -18.40 13.50 10.12
N ILE A 420 -19.51 13.42 9.37
CA ILE A 420 -20.71 12.64 9.80
C ILE A 420 -20.41 11.13 9.71
N PRO A 421 -19.90 10.59 8.57
CA PRO A 421 -19.61 9.16 8.46
C PRO A 421 -18.56 8.67 9.46
N VAL A 422 -17.59 9.52 9.83
CA VAL A 422 -16.58 9.23 10.89
C VAL A 422 -17.33 8.78 12.16
N GLY A 423 -18.53 9.34 12.40
CA GLY A 423 -19.39 9.03 13.55
C GLY A 423 -19.71 7.55 13.68
N ILE A 424 -19.78 6.82 12.56
CA ILE A 424 -20.10 5.36 12.55
C ILE A 424 -18.91 4.57 11.97
N GLY A 425 -17.70 5.14 12.06
CA GLY A 425 -16.42 4.50 11.69
C GLY A 425 -16.36 4.09 10.22
N GLN A 426 -16.83 4.97 9.32
CA GLN A 426 -16.97 4.68 7.88
C GLN A 426 -16.51 5.86 7.04
N GLY A 427 -15.77 6.81 7.61
CA GLY A 427 -15.36 8.03 6.89
C GLY A 427 -14.24 7.73 5.92
N TYR A 428 -13.13 8.45 6.04
CA TYR A 428 -11.80 8.01 5.57
C TYR A 428 -11.19 7.06 6.62
N TRP A 429 -11.93 6.77 7.69
CA TRP A 429 -11.48 5.97 8.86
C TRP A 429 -11.25 4.52 8.45
N THR A 430 -10.00 4.07 8.63
CA THR A 430 -9.54 2.68 8.43
C THR A 430 -8.73 2.26 9.66
N ALA A 431 -8.75 0.97 10.01
CA ALA A 431 -8.07 0.44 11.22
C ALA A 431 -7.65 -1.01 10.98
N THR A 432 -6.62 -1.45 11.72
CA THR A 432 -6.15 -2.86 11.74
C THR A 432 -6.84 -3.59 12.89
N PRO A 433 -7.11 -4.90 12.73
CA PRO A 433 -7.62 -5.72 13.83
C PRO A 433 -6.84 -5.54 15.14
N ILE A 434 -5.51 -5.41 15.07
CA ILE A 434 -4.64 -5.25 16.27
C ILE A 434 -4.94 -3.90 16.92
N GLN A 435 -5.23 -2.85 16.12
CA GLN A 435 -5.66 -1.52 16.60
C GLN A 435 -7.02 -1.65 17.29
N MET A 436 -7.98 -2.29 16.63
CA MET A 436 -9.34 -2.60 17.15
C MET A 436 -9.23 -3.42 18.45
N ALA A 437 -8.22 -4.29 18.55
CA ALA A 437 -7.94 -5.13 19.74
C ALA A 437 -7.38 -4.25 20.86
N LYS A 438 -6.50 -3.30 20.53
CA LYS A 438 -5.80 -2.45 21.53
C LYS A 438 -6.78 -1.43 22.14
N SER A 439 -7.70 -0.89 21.34
CA SER A 439 -8.67 0.14 21.80
C SER A 439 -9.65 -0.52 22.79
N LEU A 440 -10.14 -1.72 22.49
CA LEU A 440 -11.00 -2.50 23.42
C LEU A 440 -10.28 -2.69 24.75
N MET A 441 -9.01 -3.10 24.74
CA MET A 441 -8.22 -3.35 25.97
C MET A 441 -8.15 -2.06 26.79
N THR A 442 -7.95 -0.92 26.13
CA THR A 442 -7.91 0.43 26.77
C THR A 442 -9.26 0.71 27.43
N LEU A 443 -10.37 0.38 26.76
CA LEU A 443 -11.75 0.57 27.29
C LEU A 443 -11.90 -0.29 28.55
N ILE A 444 -11.60 -1.59 28.43
CA ILE A 444 -11.67 -2.58 29.54
C ILE A 444 -10.91 -2.05 30.74
N ASN A 445 -9.72 -1.46 30.51
CA ASN A 445 -8.78 -1.03 31.57
C ASN A 445 -9.01 0.44 31.93
N ASP A 446 -10.15 1.01 31.53
CA ASP A 446 -10.59 2.40 31.86
C ASP A 446 -9.48 3.41 31.51
N GLY A 447 -9.02 3.41 30.26
CA GLY A 447 -8.05 4.39 29.75
C GLY A 447 -6.62 4.06 30.14
N THR A 448 -6.39 2.98 30.89
CA THR A 448 -5.04 2.49 31.23
C THR A 448 -4.53 1.66 30.04
N VAL A 449 -3.80 2.30 29.12
CA VAL A 449 -3.40 1.72 27.81
C VAL A 449 -2.42 0.57 28.05
N LYS A 450 -2.69 -0.58 27.43
CA LYS A 450 -1.81 -1.77 27.45
C LYS A 450 -1.36 -2.08 26.02
N THR A 451 -0.03 -2.19 25.84
CA THR A 451 0.65 -2.52 24.56
C THR A 451 0.40 -3.98 24.23
N PRO A 452 -0.26 -4.31 23.10
CA PRO A 452 -0.42 -5.71 22.72
C PRO A 452 0.98 -6.23 22.39
N HIS A 453 1.28 -7.47 22.76
CA HIS A 453 2.66 -8.04 22.71
C HIS A 453 2.60 -9.57 22.81
N LEU A 454 3.61 -10.22 22.21
CA LEU A 454 3.74 -11.70 22.14
C LEU A 454 4.83 -12.18 23.10
N LEU A 455 5.85 -11.36 23.38
CA LEU A 455 6.95 -11.74 24.31
C LEU A 455 6.37 -11.90 25.72
N GLN A 456 6.42 -13.12 26.27
CA GLN A 456 6.14 -13.37 27.71
C GLN A 456 7.42 -13.15 28.52
N SER A 457 8.52 -13.80 28.13
CA SER A 457 9.82 -13.76 28.85
C SER A 457 10.97 -14.28 27.99
N THR A 458 12.19 -13.94 28.40
CA THR A 458 13.49 -14.32 27.77
C THR A 458 14.34 -15.05 28.82
N ARG A 459 14.91 -16.21 28.49
CA ARG A 459 15.89 -16.92 29.36
C ARG A 459 17.26 -16.25 29.19
N ILE A 460 17.66 -15.44 30.18
CA ILE A 460 18.97 -14.74 30.23
C ILE A 460 19.82 -15.38 31.33
N ASP A 461 20.77 -16.25 30.94
CA ASP A 461 21.71 -16.98 31.82
C ASP A 461 20.94 -17.98 32.69
N GLY A 462 19.97 -18.70 32.09
CA GLY A 462 19.16 -19.73 32.76
C GLY A 462 17.93 -19.16 33.46
N VAL A 463 17.94 -17.86 33.80
CA VAL A 463 16.85 -17.15 34.53
C VAL A 463 15.84 -16.61 33.51
N LEU A 464 14.54 -16.60 33.84
CA LEU A 464 13.46 -15.98 33.01
C LEU A 464 13.24 -14.53 33.46
N VAL A 465 13.57 -13.57 32.60
CA VAL A 465 13.22 -12.12 32.77
C VAL A 465 11.96 -11.85 31.95
N PRO A 466 10.84 -11.41 32.56
CA PRO A 466 9.60 -11.18 31.83
C PRO A 466 9.55 -9.86 31.03
N TYR A 467 8.66 -9.82 30.04
CA TYR A 467 8.26 -8.61 29.28
C TYR A 467 7.88 -7.49 30.26
N LYS A 468 8.43 -6.29 30.06
CA LYS A 468 8.10 -5.06 30.82
C LYS A 468 7.56 -4.01 29.85
N GLN A 469 6.30 -3.59 30.03
CA GLN A 469 5.62 -2.60 29.16
C GLN A 469 6.25 -1.22 29.39
N GLU A 470 6.77 -0.60 28.32
CA GLU A 470 7.35 0.77 28.36
C GLU A 470 6.22 1.78 28.55
N ASP A 471 5.17 1.64 27.74
CA ASP A 471 3.97 2.54 27.68
C ASP A 471 3.28 2.57 29.06
N SER A 472 3.01 3.77 29.57
CA SER A 472 2.32 4.03 30.86
C SER A 472 1.23 5.10 30.68
N THR A 473 0.63 5.18 29.49
CA THR A 473 -0.31 6.25 29.08
C THR A 473 -1.67 6.04 29.76
N GLN A 474 -2.30 7.13 30.21
CA GLN A 474 -3.67 7.13 30.79
C GLN A 474 -4.56 8.06 29.95
N ILE A 475 -5.72 7.57 29.52
CA ILE A 475 -6.73 8.35 28.74
C ILE A 475 -7.79 8.87 29.72
N GLY A 476 -8.11 10.16 29.64
CA GLY A 476 -9.07 10.84 30.53
C GLY A 476 -8.79 10.50 31.99
N SER A 477 -9.85 10.30 32.77
CA SER A 477 -9.79 9.95 34.22
C SER A 477 -10.22 8.48 34.40
N ILE A 478 -9.57 7.77 35.34
CA ILE A 478 -9.69 6.29 35.54
C ILE A 478 -11.10 5.95 36.06
N ASN A 479 -11.72 6.87 36.79
CA ASN A 479 -13.00 6.63 37.53
C ASN A 479 -14.12 7.52 36.98
N SER A 480 -13.94 8.07 35.78
CA SER A 480 -14.93 8.90 35.03
C SER A 480 -16.32 8.27 35.10
N GLY A 481 -16.38 6.94 35.13
CA GLY A 481 -17.63 6.16 35.07
C GLY A 481 -18.12 5.98 33.65
N TYR A 482 -17.66 6.85 32.73
CA TYR A 482 -18.02 6.86 31.29
C TYR A 482 -17.63 5.54 30.63
N TRP A 483 -16.49 4.96 31.02
CA TRP A 483 -15.99 3.64 30.55
C TRP A 483 -17.07 2.58 30.77
N GLU A 484 -17.63 2.57 31.98
CA GLU A 484 -18.62 1.57 32.45
C GLU A 484 -19.93 1.74 31.68
N ILE A 485 -20.31 2.99 31.38
CA ILE A 485 -21.52 3.30 30.55
C ILE A 485 -21.36 2.60 29.19
N ALA A 486 -20.19 2.75 28.57
CA ALA A 486 -19.84 2.17 27.25
C ALA A 486 -19.81 0.64 27.34
N LYS A 487 -19.11 0.11 28.36
CA LYS A 487 -18.99 -1.36 28.58
C LYS A 487 -20.39 -1.94 28.81
N ASP A 488 -21.22 -1.28 29.63
CA ASP A 488 -22.63 -1.66 29.89
C ASP A 488 -23.38 -1.81 28.56
N GLY A 489 -23.27 -0.81 27.68
CA GLY A 489 -23.89 -0.83 26.34
C GLY A 489 -23.52 -2.07 25.57
N MET A 490 -22.24 -2.48 25.68
CA MET A 490 -21.70 -3.69 25.01
C MET A 490 -22.25 -4.95 25.70
N TYR A 491 -22.44 -4.92 27.02
CA TYR A 491 -23.14 -5.98 27.80
C TYR A 491 -24.53 -6.20 27.21
N GLY A 492 -25.20 -5.10 26.84
CA GLY A 492 -26.55 -5.10 26.24
C GLY A 492 -26.59 -5.79 24.89
N VAL A 493 -25.63 -5.49 24.00
CA VAL A 493 -25.52 -6.06 22.62
C VAL A 493 -25.56 -7.59 22.73
N ALA A 494 -24.94 -8.16 23.76
CA ALA A 494 -24.76 -9.62 23.96
C ALA A 494 -25.99 -10.24 24.66
N ASN A 495 -26.47 -9.61 25.73
CA ASN A 495 -27.32 -10.28 26.76
C ASN A 495 -28.75 -9.75 26.76
N ARG A 496 -28.95 -8.45 26.56
CA ARG A 496 -30.30 -7.82 26.64
C ARG A 496 -31.10 -8.18 25.40
N PRO A 497 -32.46 -8.22 25.51
CA PRO A 497 -33.30 -8.68 24.42
C PRO A 497 -33.42 -7.70 23.24
N ASN A 498 -32.89 -6.48 23.35
CA ASN A 498 -32.83 -5.49 22.24
C ASN A 498 -31.42 -5.45 21.61
N GLY A 499 -30.46 -6.19 22.18
CA GLY A 499 -29.07 -6.27 21.69
C GLY A 499 -28.97 -6.87 20.30
N THR A 500 -28.07 -6.36 19.46
CA THR A 500 -27.94 -6.73 18.02
C THR A 500 -27.39 -8.16 17.89
N GLY A 501 -26.61 -8.62 18.87
CA GLY A 501 -26.04 -9.98 18.91
C GLY A 501 -26.43 -10.72 20.17
N ARG A 502 -27.72 -10.75 20.51
CA ARG A 502 -28.24 -11.52 21.68
C ARG A 502 -28.30 -13.01 21.30
N LYS A 503 -28.55 -13.28 20.01
CA LYS A 503 -28.74 -14.62 19.40
C LYS A 503 -27.51 -15.52 19.62
N PHE A 504 -26.32 -14.93 19.76
CA PHE A 504 -25.02 -15.66 19.80
C PHE A 504 -24.61 -15.97 21.23
N PHE A 505 -25.15 -15.25 22.22
CA PHE A 505 -24.75 -15.35 23.65
C PHE A 505 -25.96 -15.72 24.51
N GLU A 506 -26.66 -16.80 24.11
CA GLU A 506 -27.74 -17.45 24.89
C GLU A 506 -27.16 -18.65 25.64
N GLY A 507 -27.54 -18.83 26.91
CA GLY A 507 -27.21 -20.01 27.72
C GLY A 507 -25.81 -19.93 28.27
N THR A 508 -25.30 -18.70 28.43
CA THR A 508 -23.90 -18.37 28.76
C THR A 508 -23.74 -18.36 30.28
N PRO A 509 -22.94 -19.27 30.87
CA PRO A 509 -22.67 -19.25 32.31
C PRO A 509 -22.03 -17.92 32.76
N TYR A 510 -21.13 -17.41 31.93
N TYR A 510 -21.13 -17.41 31.93
CA TYR A 510 -20.46 -16.09 32.08
CA TYR A 510 -20.46 -16.09 32.08
C TYR A 510 -21.33 -15.03 31.39
C TYR A 510 -21.33 -15.03 31.39
N LYS A 511 -21.08 -13.75 31.68
CA LYS A 511 -21.66 -12.60 30.94
C LYS A 511 -20.59 -12.04 30.01
N ALA A 512 -20.82 -12.14 28.70
CA ALA A 512 -19.98 -11.57 27.62
C ALA A 512 -20.47 -10.17 27.27
N ALA A 513 -19.54 -9.24 27.03
CA ALA A 513 -19.78 -7.92 26.42
C ALA A 513 -19.17 -7.90 25.02
N ALA A 514 -19.91 -7.41 24.03
CA ALA A 514 -19.57 -7.51 22.61
C ALA A 514 -20.02 -6.26 21.86
N LYS A 515 -19.61 -6.13 20.61
CA LYS A 515 -19.96 -5.00 19.72
C LYS A 515 -19.66 -5.41 18.28
N SER A 516 -20.70 -5.59 17.48
CA SER A 516 -20.61 -6.03 16.06
C SER A 516 -20.31 -4.83 15.18
N GLY A 517 -19.94 -5.09 13.94
CA GLY A 517 -19.79 -4.07 12.88
C GLY A 517 -19.95 -4.69 11.50
N THR A 518 -20.39 -3.88 10.54
CA THR A 518 -20.53 -4.24 9.12
C THR A 518 -19.88 -3.14 8.27
N ALA A 519 -18.80 -3.47 7.56
CA ALA A 519 -18.05 -2.55 6.66
C ALA A 519 -18.20 -3.02 5.21
N GLN A 520 -18.04 -2.09 4.26
CA GLN A 520 -18.20 -2.32 2.79
C GLN A 520 -16.86 -2.01 2.09
N VAL A 521 -16.80 -2.20 0.76
CA VAL A 521 -15.64 -1.83 -0.10
C VAL A 521 -16.15 -1.05 -1.31
N LEU A 536 -18.69 -7.59 -4.81
CA LEU A 536 -17.97 -8.20 -3.66
C LEU A 536 -18.66 -7.77 -2.36
N ARG A 537 -18.69 -8.64 -1.35
CA ARG A 537 -19.64 -8.58 -0.19
C ARG A 537 -19.16 -7.54 0.83
N ASP A 538 -19.82 -7.51 2.00
CA ASP A 538 -19.48 -6.65 3.16
C ASP A 538 -18.65 -7.45 4.16
N HIS A 539 -17.57 -6.84 4.68
CA HIS A 539 -16.76 -7.38 5.80
C HIS A 539 -17.63 -7.44 7.05
N LYS A 540 -17.41 -8.44 7.90
CA LYS A 540 -18.15 -8.64 9.17
C LYS A 540 -17.16 -8.56 10.33
N LEU A 541 -17.38 -7.61 11.23
CA LEU A 541 -16.50 -7.35 12.39
C LEU A 541 -17.24 -7.70 13.68
N MET A 542 -16.48 -8.00 14.72
CA MET A 542 -16.98 -8.07 16.11
C MET A 542 -15.79 -8.01 17.06
N VAL A 543 -15.88 -7.16 18.08
CA VAL A 543 -14.97 -7.18 19.26
C VAL A 543 -15.82 -7.56 20.46
N ALA A 544 -15.27 -8.34 21.40
CA ALA A 544 -15.99 -8.87 22.57
C ALA A 544 -15.02 -9.19 23.70
N PHE A 545 -15.50 -9.24 24.95
CA PHE A 545 -14.70 -9.61 26.14
C PHE A 545 -15.57 -10.27 27.21
N ALA A 546 -14.98 -11.19 27.98
CA ALA A 546 -15.68 -12.01 28.99
C ALA A 546 -14.79 -12.19 30.23
N PRO A 547 -15.24 -12.99 31.22
CA PRO A 547 -16.22 -12.54 32.20
C PRO A 547 -16.34 -11.01 32.27
N TYR A 548 -17.57 -10.48 32.09
CA TYR A 548 -17.89 -9.02 32.12
C TYR A 548 -17.37 -8.37 33.42
N GLU A 549 -17.61 -8.99 34.57
CA GLU A 549 -17.25 -8.45 35.91
C GLU A 549 -15.73 -8.21 35.95
N ASN A 550 -14.93 -9.25 35.71
CA ASN A 550 -13.45 -9.21 35.70
C ASN A 550 -12.95 -9.82 34.38
N PRO A 551 -12.87 -9.02 33.30
CA PRO A 551 -12.48 -9.53 31.99
C PRO A 551 -11.08 -10.16 32.00
N THR A 552 -10.99 -11.38 31.48
CA THR A 552 -9.77 -12.23 31.48
C THR A 552 -9.37 -12.55 30.03
N VAL A 553 -10.22 -12.17 29.06
CA VAL A 553 -10.02 -12.44 27.61
C VAL A 553 -10.80 -11.38 26.80
N SER A 554 -10.12 -10.68 25.89
CA SER A 554 -10.74 -9.81 24.85
C SER A 554 -10.41 -10.35 23.46
N VAL A 555 -11.35 -10.21 22.53
CA VAL A 555 -11.28 -10.75 21.14
C VAL A 555 -11.50 -9.60 20.16
N ALA A 556 -10.77 -9.62 19.04
CA ALA A 556 -11.07 -8.84 17.82
C ALA A 556 -11.07 -9.82 16.66
N ILE A 557 -12.14 -9.85 15.88
CA ILE A 557 -12.29 -10.78 14.72
C ILE A 557 -12.98 -10.03 13.57
N ILE A 558 -12.51 -10.29 12.35
CA ILE A 558 -13.10 -9.72 11.11
C ILE A 558 -12.97 -10.77 10.01
N LEU A 559 -14.08 -11.04 9.32
CA LEU A 559 -14.17 -11.99 8.18
C LEU A 559 -14.31 -11.17 6.89
N GLU A 560 -13.25 -11.13 6.07
CA GLU A 560 -13.26 -10.39 4.78
C GLU A 560 -14.48 -10.84 3.97
N ASN A 561 -15.25 -9.89 3.46
CA ASN A 561 -16.37 -10.10 2.50
C ASN A 561 -17.31 -11.20 3.03
N GLY A 562 -17.65 -11.15 4.33
CA GLY A 562 -18.63 -12.06 4.95
C GLY A 562 -18.00 -13.32 5.52
N GLY A 563 -16.82 -13.72 5.02
CA GLY A 563 -16.14 -14.96 5.43
C GLY A 563 -16.67 -16.15 4.66
N ALA A 564 -16.59 -17.36 5.23
CA ALA A 564 -16.94 -18.62 4.53
C ALA A 564 -18.21 -19.27 5.09
N GLY A 565 -19.17 -18.50 5.60
CA GLY A 565 -20.47 -19.04 6.07
C GLY A 565 -20.73 -18.78 7.54
N PRO A 566 -20.00 -19.46 8.48
CA PRO A 566 -20.20 -19.23 9.91
C PRO A 566 -20.14 -17.75 10.30
N ALA A 567 -21.11 -17.29 11.08
CA ALA A 567 -21.27 -15.88 11.51
C ALA A 567 -20.14 -15.54 12.48
N VAL A 568 -19.64 -14.30 12.41
CA VAL A 568 -18.53 -13.81 13.28
C VAL A 568 -18.97 -13.93 14.75
N GLY A 569 -20.24 -13.62 15.05
CA GLY A 569 -20.84 -13.76 16.39
C GLY A 569 -20.81 -15.19 16.89
N THR A 570 -21.14 -16.14 16.00
CA THR A 570 -21.06 -17.60 16.26
C THR A 570 -19.62 -17.96 16.66
N ILE A 571 -18.64 -17.55 15.84
CA ILE A 571 -17.19 -17.86 16.03
C ILE A 571 -16.70 -17.20 17.32
N THR A 572 -17.11 -15.98 17.62
CA THR A 572 -16.74 -15.29 18.89
C THR A 572 -17.24 -16.12 20.08
N ARG A 573 -18.48 -16.61 20.02
CA ARG A 573 -19.09 -17.44 21.09
C ARG A 573 -18.25 -18.71 21.27
N GLN A 574 -18.02 -19.46 20.20
CA GLN A 574 -17.23 -20.72 20.19
C GLN A 574 -15.86 -20.47 20.85
N ILE A 575 -15.20 -19.36 20.49
CA ILE A 575 -13.85 -18.98 21.01
C ILE A 575 -13.96 -18.69 22.51
N LEU A 576 -14.99 -17.94 22.92
CA LEU A 576 -15.15 -17.51 24.34
C LEU A 576 -15.49 -18.72 25.21
N ASP A 577 -16.36 -19.60 24.71
CA ASP A 577 -16.69 -20.91 25.36
C ASP A 577 -15.41 -21.72 25.49
N HIS A 578 -14.72 -21.97 24.37
CA HIS A 578 -13.49 -22.81 24.28
C HIS A 578 -12.50 -22.43 25.38
N ILE A 579 -12.34 -21.13 25.67
CA ILE A 579 -11.28 -20.61 26.59
C ILE A 579 -11.74 -20.72 28.05
N LEU A 580 -13.01 -20.38 28.34
CA LEU A 580 -13.52 -20.13 29.71
C LEU A 580 -14.16 -21.40 30.30
N LEU A 581 -14.73 -22.26 29.45
CA LEU A 581 -15.36 -23.55 29.87
C LEU A 581 -14.34 -24.69 29.85
N GLY A 582 -13.08 -24.41 29.50
CA GLY A 582 -12.04 -25.43 29.25
C GLY A 582 -12.47 -26.37 28.13
N ASP A 583 -12.94 -25.79 27.01
CA ASP A 583 -13.50 -26.49 25.82
C ASP A 583 -14.88 -27.05 26.17
N ASN B 28 -51.55 11.21 -19.68
CA ASN B 28 -51.96 12.34 -18.79
C ASN B 28 -50.84 12.65 -17.78
N ARG B 29 -50.14 11.63 -17.25
CA ARG B 29 -49.01 11.78 -16.28
C ARG B 29 -47.77 12.34 -16.99
N ILE B 30 -47.13 13.36 -16.41
CA ILE B 30 -45.91 14.03 -16.93
C ILE B 30 -44.67 13.33 -16.37
N LYS B 31 -43.63 13.17 -17.18
CA LYS B 31 -42.31 12.59 -16.79
C LYS B 31 -41.20 13.59 -17.14
N LEU B 32 -40.06 13.50 -16.44
CA LEU B 32 -38.85 14.33 -16.65
C LEU B 32 -37.67 13.41 -17.01
N VAL B 33 -37.62 12.96 -18.27
CA VAL B 33 -36.50 12.14 -18.81
C VAL B 33 -35.25 13.02 -18.82
N PRO B 34 -34.18 12.62 -18.12
CA PRO B 34 -32.97 13.44 -17.98
C PRO B 34 -32.05 13.36 -19.22
N ILE B 35 -31.33 14.45 -19.51
CA ILE B 35 -30.38 14.57 -20.67
C ILE B 35 -28.95 14.60 -20.12
N ALA B 36 -28.12 13.67 -20.58
CA ALA B 36 -26.68 13.56 -20.21
C ALA B 36 -25.94 14.77 -20.77
N PRO B 37 -25.19 15.52 -19.93
CA PRO B 37 -24.33 16.59 -20.41
C PRO B 37 -23.07 15.98 -21.00
N SER B 38 -22.62 16.49 -22.16
CA SER B 38 -21.41 16.00 -22.86
C SER B 38 -20.19 16.38 -22.02
N ARG B 39 -19.24 15.46 -21.89
CA ARG B 39 -18.04 15.60 -21.02
C ARG B 39 -17.07 16.59 -21.66
N GLY B 40 -16.49 17.48 -20.85
CA GLY B 40 -15.42 18.40 -21.28
C GLY B 40 -14.30 17.63 -21.97
N MET B 41 -13.65 18.26 -22.95
CA MET B 41 -12.53 17.65 -23.72
C MET B 41 -11.21 17.95 -22.99
N ILE B 42 -10.18 17.14 -23.23
CA ILE B 42 -8.81 17.34 -22.67
C ILE B 42 -7.83 17.45 -23.84
N PHE B 43 -7.06 18.55 -23.89
CA PHE B 43 -6.02 18.83 -24.92
C PHE B 43 -4.65 19.02 -24.26
N ASP B 44 -3.59 18.86 -25.04
CA ASP B 44 -2.19 19.15 -24.62
C ASP B 44 -1.94 20.65 -24.80
N ARG B 45 -0.69 21.11 -24.65
CA ARG B 45 -0.30 22.54 -24.78
C ARG B 45 -0.67 23.07 -26.18
N ASN B 46 -0.54 22.24 -27.21
CA ASN B 46 -0.74 22.60 -28.65
C ASN B 46 -2.24 22.79 -28.95
N GLY B 47 -3.09 21.94 -28.38
CA GLY B 47 -4.53 21.88 -28.69
C GLY B 47 -4.95 20.53 -29.27
N THR B 48 -4.01 19.60 -29.40
CA THR B 48 -4.25 18.18 -29.81
C THR B 48 -5.25 17.54 -28.86
N PRO B 49 -6.36 16.93 -29.34
CA PRO B 49 -7.29 16.21 -28.48
C PRO B 49 -6.66 14.92 -27.91
N LEU B 50 -6.79 14.71 -26.59
CA LEU B 50 -6.26 13.54 -25.85
C LEU B 50 -7.41 12.68 -25.31
N ALA B 51 -8.57 13.30 -25.03
CA ALA B 51 -9.81 12.65 -24.54
C ALA B 51 -11.03 13.23 -25.29
N LEU B 52 -11.63 12.43 -26.17
CA LEU B 52 -12.77 12.80 -27.06
C LEU B 52 -14.03 12.08 -26.61
N ASN B 53 -15.21 12.57 -27.04
CA ASN B 53 -16.54 11.95 -26.80
C ASN B 53 -17.05 11.32 -28.10
N ARG B 54 -17.12 10.00 -28.18
CA ARG B 54 -17.81 9.25 -29.27
C ARG B 54 -19.17 8.78 -28.78
N THR B 55 -20.16 8.67 -29.68
CA THR B 55 -21.50 8.13 -29.38
C THR B 55 -21.53 6.65 -29.78
N ILE B 56 -21.99 5.78 -28.87
CA ILE B 56 -22.16 4.32 -29.13
C ILE B 56 -23.66 4.02 -29.14
N TYR B 57 -24.14 3.35 -30.19
CA TYR B 57 -25.56 2.91 -30.33
C TYR B 57 -25.65 1.41 -30.02
N GLN B 58 -26.75 0.98 -29.41
CA GLN B 58 -27.05 -0.46 -29.16
C GLN B 58 -28.54 -0.71 -29.37
N LEU B 59 -28.89 -1.93 -29.76
CA LEU B 59 -30.31 -2.37 -29.89
C LEU B 59 -30.71 -3.06 -28.59
N GLU B 60 -31.78 -2.59 -27.95
CA GLU B 60 -32.25 -3.09 -26.64
C GLU B 60 -33.72 -3.51 -26.73
N LEU B 61 -34.15 -4.37 -25.81
CA LEU B 61 -35.56 -4.79 -25.63
C LEU B 61 -35.73 -5.31 -24.19
N MET B 62 -36.94 -5.15 -23.64
CA MET B 62 -37.38 -5.81 -22.37
C MET B 62 -38.01 -7.15 -22.72
N PRO B 63 -37.32 -8.30 -22.47
CA PRO B 63 -37.81 -9.61 -22.90
C PRO B 63 -39.28 -9.93 -22.59
N GLU B 64 -39.81 -9.35 -21.50
CA GLU B 64 -41.20 -9.58 -21.01
C GLU B 64 -42.21 -9.02 -22.03
N LYS B 65 -41.91 -7.88 -22.66
CA LYS B 65 -42.82 -7.14 -23.57
C LYS B 65 -42.73 -7.67 -25.01
N ILE B 66 -41.94 -8.73 -25.23
CA ILE B 66 -41.73 -9.38 -26.56
C ILE B 66 -42.37 -10.77 -26.55
N GLU B 67 -42.98 -11.16 -27.66
CA GLU B 67 -43.54 -12.52 -27.89
C GLU B 67 -42.85 -13.14 -29.10
N ASN B 68 -42.72 -14.47 -29.11
CA ASN B 68 -41.97 -15.23 -30.15
C ASN B 68 -40.55 -14.66 -30.23
N LEU B 69 -39.90 -14.49 -29.08
CA LEU B 69 -38.54 -13.90 -28.95
C LEU B 69 -37.61 -14.55 -29.98
N SER B 70 -37.56 -15.88 -30.03
CA SER B 70 -36.71 -16.67 -30.95
C SER B 70 -36.97 -16.23 -32.39
N ALA B 71 -38.24 -16.09 -32.78
CA ALA B 71 -38.68 -15.62 -34.11
C ALA B 71 -38.20 -14.19 -34.35
N THR B 72 -38.38 -13.31 -33.35
CA THR B 72 -38.01 -11.87 -33.40
C THR B 72 -36.50 -11.72 -33.59
N LEU B 73 -35.70 -12.53 -32.88
CA LEU B 73 -34.22 -12.53 -32.97
C LEU B 73 -33.82 -12.98 -34.38
N ASN B 74 -34.40 -14.07 -34.87
CA ASN B 74 -34.19 -14.62 -36.24
C ASN B 74 -34.46 -13.53 -37.28
N ALA B 75 -35.54 -12.76 -37.07
CA ALA B 75 -36.02 -11.68 -37.96
C ALA B 75 -34.98 -10.55 -38.04
N LEU B 76 -34.20 -10.35 -36.97
CA LEU B 76 -33.26 -9.20 -36.83
C LEU B 76 -31.92 -9.53 -37.47
N ARG B 77 -31.60 -10.81 -37.66
CA ARG B 77 -30.30 -11.28 -38.24
C ARG B 77 -29.96 -10.42 -39.45
N PRO B 78 -30.82 -10.35 -40.49
CA PRO B 78 -30.52 -9.59 -41.70
C PRO B 78 -30.52 -8.06 -41.56
N ILE B 79 -31.20 -7.54 -40.53
CA ILE B 79 -31.52 -6.08 -40.40
C ILE B 79 -30.34 -5.35 -39.74
N VAL B 80 -29.72 -5.95 -38.72
CA VAL B 80 -28.64 -5.33 -37.91
C VAL B 80 -27.41 -6.25 -37.87
N ASP B 81 -27.40 -7.32 -38.69
CA ASP B 81 -26.31 -8.32 -38.73
C ASP B 81 -26.17 -8.96 -37.35
N LEU B 82 -27.29 -9.44 -36.78
CA LEU B 82 -27.32 -10.15 -35.48
C LEU B 82 -26.72 -11.55 -35.68
N THR B 83 -25.71 -11.91 -34.87
CA THR B 83 -24.95 -13.18 -34.95
C THR B 83 -25.39 -14.09 -33.80
N ASP B 84 -25.01 -15.38 -33.84
CA ASP B 84 -25.28 -16.37 -32.75
C ASP B 84 -24.47 -15.96 -31.50
N ASP B 85 -23.34 -15.27 -31.69
CA ASP B 85 -22.48 -14.75 -30.59
C ASP B 85 -23.19 -13.56 -29.92
N ASP B 86 -23.91 -12.74 -30.69
CA ASP B 86 -24.73 -11.61 -30.16
C ASP B 86 -25.86 -12.15 -29.29
N ILE B 87 -26.50 -13.25 -29.74
CA ILE B 87 -27.63 -13.92 -29.02
C ILE B 87 -27.09 -14.59 -27.74
N ALA B 88 -25.91 -15.22 -27.82
CA ALA B 88 -25.21 -15.86 -26.67
C ALA B 88 -25.04 -14.83 -25.55
N ASN B 89 -24.38 -13.70 -25.84
CA ASN B 89 -24.16 -12.59 -24.86
C ASN B 89 -25.52 -12.09 -24.33
N PHE B 90 -26.53 -12.05 -25.19
CA PHE B 90 -27.93 -11.64 -24.85
C PHE B 90 -28.54 -12.68 -23.89
N GLU B 91 -28.71 -13.91 -24.36
CA GLU B 91 -29.36 -15.03 -23.61
C GLU B 91 -28.74 -15.16 -22.22
N LYS B 92 -27.41 -15.06 -22.13
CA LYS B 92 -26.63 -15.18 -20.87
C LYS B 92 -26.89 -13.95 -19.99
N GLU B 93 -26.82 -12.74 -20.57
CA GLU B 93 -26.91 -11.46 -19.83
C GLU B 93 -28.35 -11.24 -19.33
N ARG B 94 -29.34 -11.95 -19.87
CA ARG B 94 -30.76 -11.83 -19.46
C ARG B 94 -31.03 -12.66 -18.20
N LYS B 95 -30.35 -13.80 -18.06
CA LYS B 95 -30.57 -14.79 -16.97
C LYS B 95 -29.96 -14.21 -15.68
N ARG B 96 -28.69 -13.78 -15.72
CA ARG B 96 -27.99 -13.20 -14.54
C ARG B 96 -28.66 -11.87 -14.16
N SER B 97 -29.17 -11.11 -15.14
CA SER B 97 -29.84 -9.80 -14.93
C SER B 97 -31.27 -10.01 -14.40
N ARG B 98 -31.76 -9.03 -13.64
CA ARG B 98 -33.12 -8.97 -13.04
C ARG B 98 -34.18 -9.00 -14.15
N ARG B 99 -35.37 -9.48 -13.83
CA ARG B 99 -36.52 -9.60 -14.77
C ARG B 99 -37.16 -8.22 -14.94
N PHE B 100 -37.76 -7.98 -16.12
CA PHE B 100 -38.44 -6.71 -16.49
C PHE B 100 -37.41 -5.57 -16.51
N THR B 101 -36.46 -5.63 -17.45
CA THR B 101 -35.42 -4.59 -17.68
C THR B 101 -34.87 -4.72 -19.11
N SER B 102 -34.58 -3.59 -19.77
CA SER B 102 -34.05 -3.54 -21.15
C SER B 102 -32.63 -4.09 -21.14
N ILE B 103 -32.34 -5.08 -21.98
CA ILE B 103 -30.96 -5.64 -22.15
C ILE B 103 -30.53 -5.53 -23.62
N ALA B 104 -29.24 -5.26 -23.84
CA ALA B 104 -28.64 -5.08 -25.18
C ALA B 104 -28.79 -6.37 -25.98
N VAL B 105 -29.36 -6.26 -27.18
CA VAL B 105 -29.52 -7.39 -28.13
C VAL B 105 -28.26 -7.44 -29.00
N LYS B 106 -27.86 -6.27 -29.50
CA LYS B 106 -26.64 -6.07 -30.33
C LYS B 106 -25.90 -4.84 -29.82
N THR B 107 -24.65 -5.01 -29.42
CA THR B 107 -23.75 -3.89 -29.05
C THR B 107 -22.44 -4.15 -29.80
N PRO B 108 -21.72 -3.06 -30.14
CA PRO B 108 -22.41 -1.88 -30.64
C PRO B 108 -23.11 -2.03 -31.99
N LEU B 109 -23.91 -1.02 -32.32
CA LEU B 109 -24.54 -0.83 -33.64
C LEU B 109 -23.78 0.27 -34.38
N THR B 110 -23.58 0.09 -35.68
CA THR B 110 -23.03 1.14 -36.56
C THR B 110 -24.21 2.02 -36.97
N GLU B 111 -23.97 3.27 -37.36
CA GLU B 111 -25.03 4.17 -37.87
C GLU B 111 -25.78 3.45 -38.99
N VAL B 112 -25.03 2.69 -39.81
CA VAL B 112 -25.56 1.86 -40.93
C VAL B 112 -26.63 0.93 -40.36
N GLN B 113 -26.25 0.10 -39.38
CA GLN B 113 -27.14 -0.92 -38.73
C GLN B 113 -28.27 -0.19 -37.98
N VAL B 114 -28.00 0.98 -37.40
CA VAL B 114 -29.01 1.80 -36.67
C VAL B 114 -30.07 2.28 -37.66
N ALA B 115 -29.63 2.85 -38.78
CA ALA B 115 -30.53 3.35 -39.87
C ALA B 115 -31.33 2.18 -40.44
N ARG B 116 -30.68 1.04 -40.69
CA ARG B 116 -31.34 -0.17 -41.27
C ARG B 116 -32.47 -0.63 -40.34
N PHE B 117 -32.30 -0.47 -39.02
CA PHE B 117 -33.35 -0.78 -38.02
C PHE B 117 -34.43 0.31 -38.04
N ALA B 118 -34.02 1.59 -37.98
CA ALA B 118 -34.92 2.76 -37.86
C ALA B 118 -36.09 2.63 -38.84
N VAL B 119 -35.80 2.22 -40.08
CA VAL B 119 -36.80 2.10 -41.18
C VAL B 119 -37.75 0.92 -40.89
N ASN B 120 -37.32 -0.05 -40.08
CA ASN B 120 -38.12 -1.24 -39.66
C ASN B 120 -38.55 -1.14 -38.20
N GLN B 121 -38.53 0.06 -37.60
CA GLN B 121 -38.93 0.27 -36.18
C GLN B 121 -40.36 -0.28 -35.98
N PHE B 122 -41.28 0.07 -36.88
CA PHE B 122 -42.71 -0.36 -36.87
C PHE B 122 -42.80 -1.88 -36.72
N ARG B 123 -41.94 -2.63 -37.41
CA ARG B 123 -41.96 -4.12 -37.47
C ARG B 123 -41.62 -4.72 -36.09
N PHE B 124 -40.80 -4.05 -35.29
CA PHE B 124 -40.28 -4.55 -33.99
C PHE B 124 -40.71 -3.62 -32.86
N PRO B 125 -41.90 -3.83 -32.26
CA PRO B 125 -42.33 -3.03 -31.12
C PRO B 125 -41.69 -3.55 -29.83
N GLY B 126 -41.35 -2.64 -28.91
CA GLY B 126 -40.65 -2.95 -27.65
C GLY B 126 -39.16 -3.16 -27.86
N ILE B 127 -38.69 -2.96 -29.10
CA ILE B 127 -37.25 -2.91 -29.47
C ILE B 127 -36.96 -1.49 -29.96
N GLU B 128 -35.92 -0.86 -29.40
CA GLU B 128 -35.46 0.48 -29.83
C GLU B 128 -33.94 0.54 -29.80
N VAL B 129 -33.38 1.60 -30.37
CA VAL B 129 -31.92 1.89 -30.38
C VAL B 129 -31.64 2.97 -29.34
N LYS B 130 -30.83 2.63 -28.35
CA LYS B 130 -30.35 3.53 -27.27
C LYS B 130 -28.96 4.05 -27.66
N GLY B 131 -28.73 5.35 -27.46
CA GLY B 131 -27.43 6.03 -27.70
C GLY B 131 -26.76 6.40 -26.40
N TYR B 132 -25.48 6.07 -26.25
CA TYR B 132 -24.66 6.35 -25.03
C TYR B 132 -23.39 7.11 -25.43
N GLN B 133 -23.04 8.12 -24.63
CA GLN B 133 -21.76 8.87 -24.72
C GLN B 133 -20.67 8.04 -24.04
N ARG B 134 -19.68 7.59 -24.80
CA ARG B 134 -18.49 6.86 -24.29
C ARG B 134 -17.24 7.71 -24.57
N ARG B 135 -16.28 7.69 -23.66
CA ARG B 135 -15.00 8.41 -23.80
C ARG B 135 -14.11 7.59 -24.74
N PHE B 136 -13.30 8.27 -25.55
CA PHE B 136 -12.31 7.65 -26.47
C PHE B 136 -10.93 8.28 -26.22
N TYR B 137 -9.93 7.44 -25.97
CA TYR B 137 -8.51 7.83 -25.76
C TYR B 137 -7.72 7.39 -26.99
N PRO B 138 -7.49 8.32 -27.97
CA PRO B 138 -6.86 7.98 -29.24
C PRO B 138 -5.34 7.73 -29.21
N TYR B 139 -4.69 7.83 -28.04
CA TYR B 139 -3.24 7.53 -27.87
C TYR B 139 -3.03 6.44 -26.80
N GLY B 140 -4.09 6.05 -26.08
CA GLY B 140 -4.15 4.83 -25.27
C GLY B 140 -3.03 4.75 -24.24
N SER B 141 -2.15 3.75 -24.37
CA SER B 141 -0.99 3.45 -23.47
C SER B 141 -0.16 4.71 -23.19
N ALA B 142 -0.02 5.60 -24.17
CA ALA B 142 0.87 6.79 -24.10
C ALA B 142 0.52 7.70 -22.91
N LEU B 143 -0.76 7.82 -22.55
CA LEU B 143 -1.25 8.81 -21.54
C LEU B 143 -2.10 8.15 -20.45
N THR B 144 -2.01 6.83 -20.27
CA THR B 144 -2.85 6.05 -19.32
C THR B 144 -2.82 6.69 -17.93
N HIS B 145 -1.61 6.86 -17.36
CA HIS B 145 -1.39 7.26 -15.95
C HIS B 145 -1.70 8.74 -15.74
N VAL B 146 -1.48 9.58 -16.76
CA VAL B 146 -1.69 11.05 -16.68
C VAL B 146 -3.18 11.34 -16.89
N ILE B 147 -3.72 10.99 -18.07
CA ILE B 147 -5.13 11.23 -18.46
C ILE B 147 -6.02 10.37 -17.55
N GLY B 148 -5.61 9.13 -17.31
CA GLY B 148 -6.43 8.14 -16.62
C GLY B 148 -7.56 7.66 -17.51
N TYR B 149 -8.73 7.42 -16.93
CA TYR B 149 -9.91 6.87 -17.65
C TYR B 149 -11.18 7.14 -16.85
N VAL B 150 -12.31 7.20 -17.55
CA VAL B 150 -13.67 7.08 -16.95
C VAL B 150 -14.07 5.61 -16.98
N SER B 151 -14.81 5.14 -15.98
CA SER B 151 -15.30 3.74 -15.88
C SER B 151 -16.77 3.73 -15.46
N LYS B 152 -17.47 2.64 -15.74
CA LYS B 152 -18.91 2.45 -15.38
C LYS B 152 -19.10 2.70 -13.87
N ILE B 153 -20.05 3.57 -13.53
CA ILE B 153 -20.46 3.90 -12.14
C ILE B 153 -21.06 2.63 -11.51
N ASN B 154 -20.39 2.07 -10.51
CA ASN B 154 -20.84 0.86 -9.77
C ASN B 154 -21.66 1.28 -8.53
N ASP B 155 -22.21 0.29 -7.82
CA ASP B 155 -23.22 0.47 -6.74
C ASP B 155 -22.62 1.25 -5.57
N LYS B 156 -21.29 1.24 -5.41
CA LYS B 156 -20.58 2.01 -4.36
C LYS B 156 -20.55 3.50 -4.75
N ASP B 157 -20.24 3.80 -6.01
CA ASP B 157 -20.12 5.19 -6.56
C ASP B 157 -21.48 5.91 -6.43
N VAL B 158 -22.59 5.20 -6.64
CA VAL B 158 -23.98 5.75 -6.58
C VAL B 158 -24.25 6.29 -5.17
N GLU B 159 -23.92 5.49 -4.14
CA GLU B 159 -24.13 5.82 -2.70
C GLU B 159 -23.23 7.00 -2.32
N ARG B 160 -21.97 6.99 -2.78
CA ARG B 160 -21.00 8.11 -2.62
C ARG B 160 -21.66 9.43 -3.05
N LEU B 161 -22.23 9.44 -4.26
CA LEU B 161 -22.82 10.64 -4.91
C LEU B 161 -24.12 11.06 -4.21
N ASP B 162 -24.85 10.10 -3.63
CA ASP B 162 -26.09 10.34 -2.86
C ASP B 162 -25.73 11.16 -1.61
N LYS B 163 -24.76 10.68 -0.83
CA LYS B 163 -24.26 11.33 0.42
C LYS B 163 -23.94 12.81 0.15
N GLU B 164 -23.14 13.08 -0.88
CA GLU B 164 -22.67 14.44 -1.25
C GLU B 164 -23.86 15.28 -1.74
N GLY B 165 -24.89 14.62 -2.29
CA GLY B 165 -26.16 15.25 -2.70
C GLY B 165 -26.10 15.87 -4.08
N ILE B 166 -25.44 15.20 -5.04
CA ILE B 166 -25.41 15.60 -6.48
C ILE B 166 -25.60 14.35 -7.36
N LEU B 167 -26.25 13.31 -6.86
CA LEU B 167 -26.70 12.15 -7.68
C LEU B 167 -27.65 12.64 -8.76
N PRO B 168 -28.55 13.62 -8.47
CA PRO B 168 -29.38 14.25 -9.51
C PRO B 168 -28.62 14.62 -10.79
N ASN B 169 -27.41 15.16 -10.65
CA ASN B 169 -26.56 15.63 -11.78
C ASN B 169 -25.98 14.45 -12.55
N TYR B 170 -25.95 13.25 -11.95
CA TYR B 170 -25.41 12.00 -12.56
C TYR B 170 -26.56 11.05 -12.90
N ALA B 171 -27.80 11.56 -12.89
CA ALA B 171 -29.04 10.82 -13.21
C ALA B 171 -28.93 10.12 -14.56
N ALA B 172 -28.32 10.76 -15.57
CA ALA B 172 -28.21 10.27 -16.96
C ALA B 172 -26.80 9.73 -17.27
N THR B 173 -25.84 9.90 -16.35
CA THR B 173 -24.39 9.63 -16.60
C THR B 173 -24.06 8.20 -16.14
N HIS B 174 -23.53 7.38 -17.07
CA HIS B 174 -23.24 5.94 -16.87
C HIS B 174 -21.78 5.73 -16.48
N ASP B 175 -20.89 6.65 -16.88
CA ASP B 175 -19.42 6.58 -16.63
C ASP B 175 -18.99 7.75 -15.73
N ILE B 176 -17.87 7.57 -15.01
CA ILE B 176 -17.24 8.60 -14.12
C ILE B 176 -15.72 8.46 -14.22
N GLY B 177 -14.98 9.53 -13.92
CA GLY B 177 -13.52 9.52 -13.81
C GLY B 177 -13.04 8.71 -12.61
N LYS B 178 -12.13 7.76 -12.83
CA LYS B 178 -11.61 6.85 -11.76
C LYS B 178 -10.08 6.90 -11.68
N LEU B 179 -9.40 7.55 -12.62
CA LEU B 179 -7.92 7.64 -12.64
C LEU B 179 -7.47 8.96 -13.29
N GLY B 180 -6.30 9.44 -12.87
CA GLY B 180 -5.58 10.58 -13.47
C GLY B 180 -6.42 11.85 -13.52
N ILE B 181 -6.30 12.57 -14.64
CA ILE B 181 -6.97 13.89 -14.88
C ILE B 181 -8.48 13.67 -14.88
N GLU B 182 -8.94 12.59 -15.53
CA GLU B 182 -10.37 12.21 -15.63
C GLU B 182 -10.96 12.21 -14.22
N ARG B 183 -10.28 11.57 -13.27
CA ARG B 183 -10.75 11.49 -11.86
C ARG B 183 -10.60 12.86 -11.19
N TYR B 184 -9.38 13.42 -11.21
CA TYR B 184 -9.03 14.62 -10.41
C TYR B 184 -9.96 15.77 -10.78
N TYR B 185 -10.26 15.94 -12.08
CA TYR B 185 -10.98 17.12 -12.64
C TYR B 185 -12.41 16.73 -13.08
N GLU B 186 -12.97 15.67 -12.48
CA GLU B 186 -14.34 15.17 -12.77
C GLU B 186 -15.33 16.33 -12.63
N SER B 187 -15.39 16.95 -11.45
CA SER B 187 -16.29 18.09 -11.11
C SER B 187 -16.32 19.09 -12.28
N THR B 188 -15.16 19.42 -12.84
CA THR B 188 -15.01 20.40 -13.95
C THR B 188 -15.53 19.77 -15.25
N LEU B 189 -15.10 18.54 -15.57
CA LEU B 189 -15.31 17.87 -16.89
C LEU B 189 -16.77 17.46 -17.10
N HIS B 190 -17.55 17.30 -16.03
CA HIS B 190 -18.88 16.64 -16.10
C HIS B 190 -19.96 17.61 -16.63
N GLY B 191 -20.01 18.84 -16.11
CA GLY B 191 -21.02 19.85 -16.51
C GLY B 191 -22.38 19.57 -15.88
N LYS B 192 -23.41 20.31 -16.30
CA LYS B 192 -24.77 20.33 -15.67
C LYS B 192 -25.75 19.51 -16.50
N THR B 193 -26.44 18.56 -15.85
CA THR B 193 -27.39 17.59 -16.48
C THR B 193 -28.65 18.33 -16.93
N GLY B 194 -29.26 17.87 -18.03
CA GLY B 194 -30.48 18.44 -18.62
C GLY B 194 -31.71 17.58 -18.33
N TYR B 195 -32.90 18.15 -18.53
N TYR B 195 -32.90 18.13 -18.55
CA TYR B 195 -34.21 17.43 -18.41
CA TYR B 195 -34.21 17.45 -18.40
C TYR B 195 -35.17 17.94 -19.50
C TYR B 195 -35.14 17.91 -19.53
N GLU B 196 -36.26 17.20 -19.73
CA GLU B 196 -37.33 17.59 -20.69
C GLU B 196 -38.67 17.00 -20.23
N GLU B 197 -39.70 17.85 -20.20
CA GLU B 197 -41.09 17.50 -19.77
C GLU B 197 -41.84 16.88 -20.96
N VAL B 198 -42.30 15.64 -20.81
CA VAL B 198 -43.15 14.92 -21.81
C VAL B 198 -44.28 14.22 -21.05
N GLU B 199 -45.54 14.48 -21.43
CA GLU B 199 -46.73 13.78 -20.89
C GLU B 199 -46.94 12.48 -21.69
N VAL B 200 -47.45 11.44 -21.04
CA VAL B 200 -47.63 10.07 -21.61
C VAL B 200 -49.01 9.55 -21.20
N ASN B 201 -49.53 8.55 -21.93
CA ASN B 201 -50.87 7.93 -21.72
C ASN B 201 -50.74 6.82 -20.67
N ASN B 202 -51.83 6.11 -20.39
CA ASN B 202 -51.88 4.90 -19.52
C ASN B 202 -50.88 3.85 -20.05
N ARG B 203 -50.69 3.77 -21.38
CA ARG B 203 -49.92 2.72 -22.08
C ARG B 203 -48.40 2.93 -21.86
N GLY B 204 -47.98 4.15 -21.54
CA GLY B 204 -46.58 4.50 -21.19
C GLY B 204 -45.73 4.78 -22.42
N ARG B 205 -46.20 5.69 -23.29
CA ARG B 205 -45.46 6.20 -24.48
C ARG B 205 -45.82 7.68 -24.69
N VAL B 206 -44.86 8.49 -25.12
CA VAL B 206 -44.94 9.98 -25.16
C VAL B 206 -46.10 10.43 -26.07
N ILE B 207 -46.94 11.31 -25.54
CA ILE B 207 -47.99 12.06 -26.29
C ILE B 207 -47.34 13.33 -26.88
N ARG B 208 -46.81 14.20 -26.01
CA ARG B 208 -46.37 15.58 -26.35
C ARG B 208 -44.92 15.83 -25.89
N GLN B 209 -44.37 16.99 -26.25
CA GLN B 209 -43.07 17.53 -25.81
C GLN B 209 -43.32 18.94 -25.24
N LEU B 210 -43.51 19.04 -23.92
CA LEU B 210 -44.02 20.27 -23.24
C LEU B 210 -42.89 21.30 -23.10
N HIS B 211 -41.83 20.95 -22.36
CA HIS B 211 -40.64 21.80 -22.11
C HIS B 211 -39.36 20.98 -22.27
N GLU B 212 -38.28 21.63 -22.70
CA GLU B 212 -36.89 21.09 -22.70
C GLU B 212 -35.98 22.04 -21.93
N GLN B 213 -35.21 21.49 -20.98
CA GLN B 213 -34.11 22.19 -20.26
C GLN B 213 -32.78 21.62 -20.76
N PRO B 214 -32.04 22.34 -21.64
CA PRO B 214 -30.83 21.78 -22.23
C PRO B 214 -29.73 21.57 -21.20
N PRO B 215 -28.82 20.59 -21.40
CA PRO B 215 -27.69 20.38 -20.50
C PRO B 215 -26.55 21.34 -20.86
N GLN B 216 -25.81 21.81 -19.85
CA GLN B 216 -24.54 22.56 -20.01
C GLN B 216 -23.41 21.54 -20.12
N ALA B 217 -22.65 21.56 -21.22
CA ALA B 217 -21.49 20.67 -21.46
C ALA B 217 -20.45 20.87 -20.35
N GLY B 218 -19.64 19.85 -20.07
CA GLY B 218 -18.48 19.95 -19.17
C GLY B 218 -17.47 20.94 -19.71
N LYS B 219 -16.76 21.63 -18.81
CA LYS B 219 -15.73 22.66 -19.16
C LYS B 219 -14.51 21.92 -19.74
N ASP B 220 -13.86 22.49 -20.75
CA ASP B 220 -12.73 21.84 -21.46
C ASP B 220 -11.41 22.13 -20.73
N ILE B 221 -10.50 21.17 -20.75
CA ILE B 221 -9.19 21.19 -20.02
C ILE B 221 -8.06 21.25 -21.06
N TYR B 222 -7.21 22.28 -20.95
CA TYR B 222 -5.90 22.34 -21.64
C TYR B 222 -4.82 21.99 -20.62
N LEU B 223 -4.03 20.96 -20.92
CA LEU B 223 -2.91 20.48 -20.07
C LEU B 223 -1.61 21.16 -20.50
N THR B 224 -0.60 21.10 -19.64
CA THR B 224 0.79 21.59 -19.87
C THR B 224 1.58 20.55 -20.66
N LEU B 225 1.05 19.34 -20.79
CA LEU B 225 1.79 18.15 -21.30
C LEU B 225 2.05 18.32 -22.80
N ASP B 226 3.21 17.88 -23.26
CA ASP B 226 3.61 17.84 -24.70
C ASP B 226 3.43 16.41 -25.20
N LEU B 227 2.44 16.17 -26.05
CA LEU B 227 2.07 14.82 -26.53
C LEU B 227 3.29 14.15 -27.20
N SER B 228 4.00 14.89 -28.07
CA SER B 228 5.16 14.38 -28.85
C SER B 228 6.25 13.88 -27.91
N LEU B 229 6.70 14.75 -26.99
CA LEU B 229 7.73 14.46 -25.95
C LEU B 229 7.35 13.18 -25.20
N GLN B 230 6.10 13.08 -24.74
CA GLN B 230 5.59 11.91 -23.99
C GLN B 230 5.86 10.64 -24.82
N ILE B 231 5.47 10.64 -26.11
CA ILE B 231 5.63 9.46 -27.00
C ILE B 231 7.13 9.15 -27.12
N TYR B 232 7.94 10.18 -27.35
CA TYR B 232 9.41 10.09 -27.53
C TYR B 232 10.01 9.35 -26.33
N ILE B 233 9.81 9.91 -25.14
CA ILE B 233 10.33 9.36 -23.85
C ILE B 233 9.95 7.88 -23.76
N GLU B 234 8.67 7.57 -23.98
CA GLU B 234 8.12 6.19 -23.92
C GLU B 234 8.87 5.28 -24.91
N LYS B 235 9.16 5.79 -26.10
CA LYS B 235 9.98 5.07 -27.13
C LYS B 235 11.32 4.71 -26.48
N LEU B 236 12.03 5.72 -25.95
CA LEU B 236 13.38 5.55 -25.34
C LEU B 236 13.32 4.55 -24.19
N LEU B 237 12.19 4.50 -23.46
CA LEU B 237 12.02 3.70 -22.21
C LEU B 237 11.55 2.27 -22.50
N SER B 238 11.17 1.96 -23.75
CA SER B 238 10.56 0.66 -24.15
C SER B 238 11.32 -0.50 -23.48
N GLY B 239 10.59 -1.47 -22.92
CA GLY B 239 11.15 -2.64 -22.21
C GLY B 239 11.46 -2.33 -20.75
N SER B 240 11.99 -1.13 -20.47
CA SER B 240 12.44 -0.69 -19.12
C SER B 240 11.23 -0.35 -18.24
N ARG B 241 11.27 -0.81 -16.99
CA ARG B 241 10.34 -0.41 -15.90
C ARG B 241 10.90 0.87 -15.27
N ALA B 242 10.31 2.03 -15.55
CA ALA B 242 10.91 3.35 -15.27
C ALA B 242 9.83 4.40 -15.01
N ALA B 243 10.25 5.58 -14.56
CA ALA B 243 9.43 6.79 -14.36
C ALA B 243 10.22 8.00 -14.86
N VAL B 244 9.53 8.95 -15.50
CA VAL B 244 10.16 10.20 -16.02
C VAL B 244 9.20 11.36 -15.83
N VAL B 245 9.63 12.40 -15.11
CA VAL B 245 8.94 13.72 -15.05
C VAL B 245 9.84 14.74 -15.76
N VAL B 246 9.30 15.39 -16.80
CA VAL B 246 9.89 16.62 -17.41
C VAL B 246 8.99 17.80 -17.02
N THR B 247 9.58 18.89 -16.53
CA THR B 247 8.87 20.10 -16.04
C THR B 247 9.51 21.37 -16.58
N ASP B 248 8.74 22.46 -16.64
CA ASP B 248 9.19 23.84 -16.94
C ASP B 248 9.38 24.56 -15.61
N PRO B 249 10.65 24.75 -15.15
CA PRO B 249 10.93 25.23 -13.80
C PRO B 249 10.36 26.63 -13.53
N ARG B 250 9.98 27.35 -14.59
CA ARG B 250 9.45 28.73 -14.50
C ARG B 250 8.00 28.70 -14.02
N THR B 251 7.23 27.67 -14.40
CA THR B 251 5.76 27.55 -14.16
C THR B 251 5.46 26.49 -13.10
N GLY B 252 6.19 25.36 -13.15
CA GLY B 252 5.85 24.13 -12.43
C GLY B 252 5.05 23.19 -13.31
N GLY B 253 4.68 23.63 -14.51
CA GLY B 253 3.90 22.85 -15.49
C GLY B 253 4.67 21.62 -15.96
N ILE B 254 4.00 20.46 -15.96
CA ILE B 254 4.59 19.13 -16.32
C ILE B 254 4.46 18.95 -17.83
N LEU B 255 5.60 18.85 -18.54
CA LEU B 255 5.65 18.68 -20.02
C LEU B 255 5.50 17.20 -20.37
N ALA B 256 5.89 16.30 -19.47
CA ALA B 256 5.79 14.83 -19.67
C ALA B 256 5.83 14.11 -18.33
N LEU B 257 4.96 13.11 -18.16
CA LEU B 257 4.90 12.25 -16.95
C LEU B 257 4.65 10.81 -17.40
N VAL B 258 5.65 9.95 -17.27
CA VAL B 258 5.70 8.62 -17.93
C VAL B 258 6.01 7.55 -16.89
N SER B 259 5.11 6.57 -16.73
CA SER B 259 5.34 5.34 -15.93
C SER B 259 5.27 4.13 -16.86
N ASN B 260 6.35 3.35 -16.91
CA ASN B 260 6.50 2.18 -17.80
C ASN B 260 6.64 0.93 -16.94
N PRO B 261 5.92 -0.17 -17.24
CA PRO B 261 5.03 -0.25 -18.40
C PRO B 261 3.63 0.33 -18.16
N SER B 262 2.95 0.71 -19.23
CA SER B 262 1.56 1.24 -19.23
C SER B 262 0.55 0.11 -19.49
N TYR B 263 -0.71 0.47 -19.69
CA TYR B 263 -1.81 -0.43 -20.14
C TYR B 263 -2.77 0.36 -21.03
N ASP B 264 -3.72 -0.35 -21.64
CA ASP B 264 -4.75 0.23 -22.55
C ASP B 264 -5.85 0.86 -21.68
N PRO B 265 -5.97 2.21 -21.63
CA PRO B 265 -6.95 2.86 -20.77
C PRO B 265 -8.38 2.47 -21.16
N ASN B 266 -8.56 2.13 -22.45
CA ASN B 266 -9.86 1.79 -23.09
C ASN B 266 -10.55 0.66 -22.30
N LEU B 267 -9.82 -0.38 -21.89
CA LEU B 267 -10.40 -1.59 -21.22
C LEU B 267 -11.27 -1.17 -20.04
N PHE B 268 -10.87 -0.17 -19.26
CA PHE B 268 -11.59 0.28 -18.04
C PHE B 268 -12.82 1.11 -18.43
N VAL B 269 -12.77 1.75 -19.61
CA VAL B 269 -13.90 2.53 -20.19
C VAL B 269 -14.97 1.53 -20.63
N ASP B 270 -14.53 0.49 -21.36
CA ASP B 270 -15.38 -0.50 -22.07
C ASP B 270 -15.80 -1.61 -21.11
N GLY B 271 -15.92 -1.33 -19.80
CA GLY B 271 -16.19 -2.34 -18.76
C GLY B 271 -15.02 -3.29 -18.60
N ILE B 272 -14.59 -3.52 -17.35
CA ILE B 272 -13.34 -4.29 -17.05
C ILE B 272 -13.68 -5.78 -16.92
N SER B 273 -13.08 -6.61 -17.79
CA SER B 273 -13.26 -8.09 -17.82
C SER B 273 -12.46 -8.73 -16.69
N ASN B 274 -13.14 -9.25 -15.66
CA ASN B 274 -12.52 -9.64 -14.36
C ASN B 274 -11.30 -10.52 -14.60
N LYS B 275 -11.35 -11.41 -15.60
CA LYS B 275 -10.26 -12.36 -15.92
C LYS B 275 -8.98 -11.60 -16.29
N ASP B 276 -9.06 -10.61 -17.20
CA ASP B 276 -7.84 -9.90 -17.70
C ASP B 276 -7.49 -8.72 -16.79
N TYR B 277 -8.42 -8.22 -15.96
CA TYR B 277 -8.13 -7.24 -14.88
C TYR B 277 -7.08 -7.83 -13.92
N GLN B 278 -7.36 -9.03 -13.42
CA GLN B 278 -6.46 -9.81 -12.52
C GLN B 278 -5.17 -10.18 -13.26
N GLY B 279 -5.19 -10.15 -14.60
CA GLY B 279 -3.98 -10.26 -15.46
C GLY B 279 -3.03 -9.10 -15.25
N LEU B 280 -3.56 -7.89 -15.06
CA LEU B 280 -2.78 -6.65 -14.77
C LEU B 280 -2.34 -6.66 -13.30
N LEU B 281 -3.24 -7.03 -12.38
CA LEU B 281 -3.04 -7.01 -10.91
C LEU B 281 -1.96 -8.02 -10.50
N ASN B 282 -1.65 -9.01 -11.34
CA ASN B 282 -0.67 -10.09 -11.06
C ASN B 282 0.56 -9.96 -11.96
N ASP B 283 0.52 -9.07 -12.96
CA ASP B 283 1.70 -8.78 -13.84
C ASP B 283 2.86 -8.36 -12.92
N THR B 284 4.02 -8.99 -13.10
CA THR B 284 5.23 -8.81 -12.25
C THR B 284 5.82 -7.41 -12.49
N ASN B 285 5.47 -6.76 -13.61
CA ASN B 285 5.90 -5.38 -13.96
C ASN B 285 4.87 -4.36 -13.46
N ARG B 286 3.91 -4.79 -12.62
CA ARG B 286 2.88 -3.96 -11.95
C ARG B 286 2.66 -2.65 -12.71
N PRO B 287 2.01 -2.70 -13.90
CA PRO B 287 1.78 -1.51 -14.72
C PRO B 287 0.66 -0.60 -14.21
N LEU B 288 -0.14 -1.08 -13.25
CA LEU B 288 -1.22 -0.30 -12.60
C LEU B 288 -0.61 0.84 -11.79
N ILE B 289 0.60 0.64 -11.25
CA ILE B 289 1.36 1.65 -10.45
C ILE B 289 1.76 2.81 -11.37
N ASN B 290 1.43 4.04 -10.97
CA ASN B 290 2.02 5.30 -11.50
C ASN B 290 3.36 5.52 -10.79
N ARG B 291 4.45 5.00 -11.36
CA ARG B 291 5.83 5.06 -10.78
C ARG B 291 6.25 6.51 -10.56
N ALA B 292 5.81 7.44 -11.41
CA ALA B 292 6.10 8.89 -11.28
C ALA B 292 5.64 9.41 -9.92
N THR B 293 4.44 9.03 -9.46
CA THR B 293 3.76 9.65 -8.29
C THR B 293 3.58 8.66 -7.13
N GLN B 294 3.70 7.36 -7.38
CA GLN B 294 3.42 6.29 -6.38
C GLN B 294 4.67 5.43 -6.19
N GLY B 295 5.56 5.39 -7.18
CA GLY B 295 6.88 4.74 -7.09
C GLY B 295 7.69 5.34 -5.96
N VAL B 296 7.98 4.55 -4.93
CA VAL B 296 8.71 5.00 -3.71
C VAL B 296 10.11 4.39 -3.76
N TYR B 297 11.14 5.24 -3.91
CA TYR B 297 12.55 4.85 -4.16
C TYR B 297 13.47 5.58 -3.19
N PRO B 298 14.60 4.98 -2.76
CA PRO B 298 15.62 5.73 -2.04
C PRO B 298 16.22 6.77 -2.99
N PRO B 299 16.15 8.07 -2.65
CA PRO B 299 16.55 9.12 -3.59
C PRO B 299 18.06 9.14 -3.79
N ALA B 300 18.80 8.64 -2.79
CA ALA B 300 20.25 8.31 -2.88
C ALA B 300 21.03 9.57 -3.26
N THR B 302 20.90 11.90 -5.43
CA THR B 302 20.20 13.07 -5.92
C THR B 302 19.94 14.10 -4.81
N VAL B 303 20.01 13.70 -3.53
CA VAL B 303 19.62 14.60 -2.40
C VAL B 303 20.79 15.53 -2.03
N LYS B 304 22.00 15.23 -2.49
CA LYS B 304 23.26 15.89 -2.03
C LYS B 304 23.16 17.40 -2.26
N PRO B 305 22.70 17.87 -3.44
CA PRO B 305 22.49 19.30 -3.65
C PRO B 305 21.56 20.00 -2.64
N TYR B 306 20.49 19.34 -2.20
CA TYR B 306 19.49 19.96 -1.28
C TYR B 306 20.07 19.95 0.14
N ILE B 307 20.84 18.92 0.50
CA ILE B 307 21.57 18.83 1.79
C ILE B 307 22.66 19.89 1.83
N ALA B 308 23.39 20.07 0.72
CA ALA B 308 24.42 21.14 0.57
C ALA B 308 23.83 22.49 0.98
N VAL B 309 22.78 22.92 0.28
CA VAL B 309 22.09 24.22 0.53
C VAL B 309 21.65 24.30 2.00
N SER B 310 21.14 23.20 2.55
CA SER B 310 20.60 23.13 3.93
C SER B 310 21.73 23.32 4.94
N ALA B 311 22.85 22.65 4.74
CA ALA B 311 24.07 22.73 5.58
C ALA B 311 24.62 24.16 5.54
N LEU B 312 24.71 24.76 4.36
CA LEU B 312 25.13 26.18 4.17
C LEU B 312 24.19 27.09 4.97
N SER B 313 22.87 26.94 4.77
CA SER B 313 21.83 27.83 5.35
C SER B 313 21.79 27.70 6.88
N ALA B 314 22.19 26.56 7.45
CA ALA B 314 22.27 26.32 8.91
C ALA B 314 23.66 26.74 9.44
N GLY B 315 24.58 27.10 8.55
CA GLY B 315 25.96 27.50 8.88
C GLY B 315 26.78 26.35 9.43
N VAL B 316 26.36 25.11 9.16
CA VAL B 316 27.11 23.87 9.53
C VAL B 316 28.34 23.77 8.62
N ILE B 317 28.26 24.37 7.43
CA ILE B 317 29.41 24.47 6.48
C ILE B 317 29.34 25.80 5.73
N THR B 318 30.41 26.09 5.00
CA THR B 318 30.58 27.28 4.12
C THR B 318 31.19 26.80 2.81
N LYS B 319 31.20 27.65 1.77
CA LYS B 319 31.81 27.34 0.46
C LYS B 319 33.21 26.75 0.67
N ASN B 320 33.93 27.25 1.69
CA ASN B 320 35.38 26.95 1.89
C ASN B 320 35.56 25.73 2.81
N THR B 321 34.56 25.34 3.61
CA THR B 321 34.62 24.17 4.52
C THR B 321 35.28 22.99 3.78
N SER B 322 36.34 22.41 4.34
CA SER B 322 37.18 21.38 3.68
C SER B 322 37.47 20.21 4.64
N LEU B 323 37.90 19.09 4.07
CA LEU B 323 37.97 17.76 4.73
C LEU B 323 38.75 16.81 3.80
N PHE B 324 39.46 15.83 4.36
CA PHE B 324 40.23 14.83 3.57
C PHE B 324 39.52 13.47 3.66
N ASP B 325 39.25 12.87 2.51
CA ASP B 325 38.54 11.57 2.39
C ASP B 325 39.53 10.46 2.04
N PRO B 326 39.83 9.53 2.98
CA PRO B 326 40.62 8.35 2.67
C PRO B 326 39.84 7.25 1.93
N GLY B 327 38.52 7.43 1.74
CA GLY B 327 37.61 6.47 1.08
C GLY B 327 36.64 5.84 2.06
N TRP B 328 36.69 6.27 3.32
CA TRP B 328 35.78 5.80 4.42
C TRP B 328 35.60 6.94 5.42
N TRP B 329 34.67 6.76 6.35
CA TRP B 329 34.35 7.75 7.42
C TRP B 329 33.94 6.98 8.68
N GLN B 330 34.56 7.30 9.82
CA GLN B 330 34.28 6.64 11.12
C GLN B 330 33.32 7.51 11.93
N LEU B 331 32.23 6.92 12.44
CA LEU B 331 31.33 7.59 13.42
C LEU B 331 32.16 7.85 14.67
N PRO B 332 32.29 9.12 15.11
CA PRO B 332 32.94 9.44 16.38
C PRO B 332 32.29 8.67 17.55
N GLY B 333 33.12 8.09 18.43
CA GLY B 333 32.69 7.34 19.62
C GLY B 333 32.17 5.95 19.27
N SER B 334 32.70 5.33 18.21
CA SER B 334 32.29 3.98 17.73
C SER B 334 33.29 3.47 16.68
N GLU B 335 33.21 2.17 16.38
CA GLU B 335 34.06 1.45 15.41
C GLU B 335 33.37 1.39 14.03
N LYS B 336 32.10 1.85 13.96
CA LYS B 336 31.27 1.87 12.71
C LYS B 336 31.99 2.69 11.63
N ARG B 337 32.40 2.05 10.54
CA ARG B 337 33.12 2.69 9.40
C ARG B 337 32.21 2.67 8.17
N TYR B 338 31.84 3.84 7.66
CA TYR B 338 30.99 4.03 6.45
C TYR B 338 31.91 4.31 5.26
N ARG B 339 31.79 3.52 4.20
CA ARG B 339 32.66 3.56 2.99
C ARG B 339 32.15 4.62 2.01
N ASP B 340 33.03 5.13 1.15
CA ASP B 340 32.70 5.99 -0.03
C ASP B 340 32.58 5.07 -1.25
N TRP B 341 32.07 5.56 -2.38
CA TRP B 341 31.96 4.76 -3.64
C TRP B 341 33.37 4.53 -4.22
N LYS B 342 34.25 5.54 -4.10
CA LYS B 342 35.70 5.44 -4.40
C LYS B 342 36.41 4.79 -3.21
N LYS B 343 36.97 3.58 -3.40
CA LYS B 343 37.60 2.78 -2.30
C LYS B 343 38.74 3.55 -1.64
N TRP B 344 39.55 4.25 -2.43
CA TRP B 344 40.75 4.99 -1.96
C TRP B 344 40.41 6.46 -1.63
N GLY B 345 39.20 6.90 -1.95
CA GLY B 345 38.66 8.22 -1.55
C GLY B 345 38.89 9.28 -2.61
N HIS B 346 38.40 10.50 -2.35
CA HIS B 346 38.44 11.66 -3.27
C HIS B 346 39.55 12.63 -2.85
N GLY B 347 40.23 12.35 -1.73
CA GLY B 347 41.22 13.26 -1.13
C GLY B 347 40.56 14.50 -0.54
N ARG B 348 41.14 15.68 -0.78
CA ARG B 348 40.63 16.97 -0.24
C ARG B 348 39.29 17.30 -0.89
N LEU B 349 38.28 17.61 -0.08
CA LEU B 349 36.88 17.85 -0.52
C LEU B 349 36.33 19.12 0.13
N ASN B 350 35.69 19.98 -0.67
CA ASN B 350 34.70 20.99 -0.21
C ASN B 350 33.36 20.63 -0.86
N VAL B 351 32.26 21.31 -0.51
CA VAL B 351 30.90 20.99 -1.05
C VAL B 351 31.03 20.73 -2.56
N THR B 352 31.65 21.68 -3.28
CA THR B 352 31.51 21.75 -4.76
C THR B 352 32.27 20.56 -5.36
N LYS B 353 33.43 20.17 -4.83
CA LYS B 353 34.13 18.94 -5.30
C LYS B 353 33.27 17.72 -4.95
N ALA B 354 32.70 17.68 -3.74
CA ALA B 354 31.92 16.54 -3.22
C ALA B 354 30.65 16.31 -4.05
N LEU B 355 30.04 17.36 -4.59
CA LEU B 355 28.88 17.25 -5.53
C LEU B 355 29.39 16.69 -6.88
N GLU B 356 30.32 17.39 -7.52
CA GLU B 356 30.97 16.98 -8.79
C GLU B 356 31.24 15.46 -8.77
N GLU B 357 31.94 14.99 -7.74
CA GLU B 357 32.45 13.59 -7.64
C GLU B 357 31.46 12.70 -6.90
N SER B 358 30.37 13.28 -6.38
CA SER B 358 29.35 12.58 -5.56
C SER B 358 30.04 11.85 -4.40
N ALA B 359 30.96 12.53 -3.70
CA ALA B 359 31.68 11.99 -2.53
C ALA B 359 30.67 11.72 -1.42
N ASP B 360 30.76 10.55 -0.79
CA ASP B 360 29.86 10.13 0.33
C ASP B 360 30.43 10.63 1.65
N THR B 361 31.76 10.50 1.83
CA THR B 361 32.49 10.86 3.07
C THR B 361 32.11 12.30 3.48
N PHE B 362 32.16 13.24 2.53
CA PHE B 362 31.83 14.66 2.80
C PHE B 362 30.45 14.75 3.47
N PHE B 363 29.46 14.04 2.91
CA PHE B 363 28.03 14.17 3.30
C PHE B 363 27.73 13.33 4.55
N TYR B 364 28.49 12.26 4.81
CA TYR B 364 28.45 11.54 6.11
C TYR B 364 28.75 12.57 7.22
N GLN B 365 29.83 13.33 7.05
CA GLN B 365 30.27 14.39 7.99
C GLN B 365 29.17 15.43 8.15
N VAL B 366 28.66 15.96 7.03
CA VAL B 366 27.61 17.01 7.02
C VAL B 366 26.40 16.50 7.80
N ALA B 367 25.97 15.25 7.54
CA ALA B 367 24.80 14.61 8.20
C ALA B 367 25.05 14.52 9.71
N TYR B 368 26.24 14.08 10.12
CA TYR B 368 26.65 13.99 11.55
C TYR B 368 26.48 15.37 12.21
N ASP B 369 27.02 16.42 11.58
CA ASP B 369 27.10 17.79 12.16
C ASP B 369 25.70 18.40 12.19
N MET B 370 24.96 18.28 11.09
CA MET B 370 23.54 18.72 10.98
C MET B 370 22.71 18.02 12.06
N GLY B 371 22.87 16.71 12.21
CA GLY B 371 22.01 15.86 13.07
C GLY B 371 20.64 15.67 12.45
N ILE B 372 19.94 14.60 12.80
CA ILE B 372 18.69 14.20 12.08
C ILE B 372 17.63 15.30 12.22
N ASP B 373 17.48 15.89 13.41
CA ASP B 373 16.37 16.83 13.71
C ASP B 373 16.28 17.87 12.59
N ARG B 374 17.36 18.61 12.34
CA ARG B 374 17.31 19.75 11.38
C ARG B 374 17.68 19.29 9.97
N LEU B 375 18.33 18.14 9.80
CA LEU B 375 18.52 17.51 8.46
C LEU B 375 17.14 17.12 7.90
N SER B 376 16.33 16.49 8.74
CA SER B 376 14.92 16.10 8.46
C SER B 376 14.09 17.33 8.13
N SER B 377 14.00 18.27 9.08
CA SER B 377 13.22 19.53 8.96
C SER B 377 13.54 20.25 7.65
N TRP B 378 14.82 20.28 7.25
CA TRP B 378 15.26 20.97 6.01
C TRP B 378 14.74 20.24 4.78
N MET B 379 14.80 18.91 4.77
CA MET B 379 14.38 18.09 3.60
C MET B 379 12.86 18.13 3.45
N SER B 380 12.12 18.32 4.55
CA SER B 380 10.65 18.54 4.53
C SER B 380 10.33 19.83 3.78
N LYS B 381 11.07 20.91 4.06
CA LYS B 381 10.94 22.22 3.36
C LYS B 381 11.06 22.02 1.84
N PHE B 382 11.85 21.04 1.39
CA PHE B 382 12.04 20.67 -0.04
C PHE B 382 10.94 19.73 -0.52
N GLY B 383 10.08 19.26 0.40
CA GLY B 383 8.86 18.50 0.08
C GLY B 383 9.02 17.01 0.30
N TYR B 384 10.20 16.53 0.68
CA TYR B 384 10.45 15.09 0.96
C TYR B 384 9.56 14.70 2.14
N GLY B 385 8.89 13.55 2.03
CA GLY B 385 7.94 13.03 3.04
C GLY B 385 6.54 13.59 2.84
N GLU B 386 6.38 14.58 1.95
CA GLU B 386 5.15 15.40 1.77
C GLU B 386 4.59 15.20 0.37
N TYR B 387 3.27 15.36 0.21
CA TYR B 387 2.54 15.30 -1.08
C TYR B 387 2.87 16.56 -1.88
N THR B 388 3.25 16.39 -3.15
CA THR B 388 3.82 17.46 -4.03
C THR B 388 2.79 18.53 -4.35
N GLY B 389 1.49 18.20 -4.31
CA GLY B 389 0.39 19.12 -4.67
C GLY B 389 0.02 19.03 -6.13
N ILE B 390 0.64 18.12 -6.89
CA ILE B 390 0.28 17.74 -8.28
C ILE B 390 -1.22 17.51 -8.35
N ASP B 391 -1.84 17.80 -9.50
CA ASP B 391 -3.31 17.63 -9.71
C ASP B 391 -3.57 16.21 -10.24
N LEU B 392 -3.14 15.19 -9.49
CA LEU B 392 -3.54 13.76 -9.66
C LEU B 392 -3.83 13.19 -8.26
N SER B 393 -4.81 12.30 -8.14
CA SER B 393 -5.20 11.67 -6.85
C SER B 393 -4.28 10.47 -6.54
N GLU B 394 -3.66 9.86 -7.56
CA GLU B 394 -2.72 8.72 -7.39
C GLU B 394 -1.34 9.27 -6.99
N GLU B 395 -0.99 9.18 -5.70
CA GLU B 395 0.30 9.70 -5.15
C GLU B 395 0.59 9.07 -3.79
N ARG B 396 1.82 8.62 -3.59
CA ARG B 396 2.37 8.25 -2.25
C ARG B 396 3.32 9.35 -1.80
N ALA B 397 3.55 9.47 -0.49
CA ALA B 397 4.34 10.55 0.15
C ALA B 397 5.76 10.06 0.52
N GLY B 398 6.06 8.78 0.30
CA GLY B 398 7.32 8.16 0.75
C GLY B 398 7.58 8.46 2.22
N LEU B 399 8.83 8.42 2.64
CA LEU B 399 9.23 8.67 4.05
C LEU B 399 10.45 9.58 4.12
N MET B 400 10.35 10.68 4.87
CA MET B 400 11.52 11.46 5.37
C MET B 400 11.68 11.15 6.85
N PRO B 401 12.63 10.28 7.25
CA PRO B 401 12.74 9.82 8.62
C PRO B 401 12.98 10.92 9.66
N THR B 402 12.56 10.65 10.89
CA THR B 402 12.47 11.60 12.04
C THR B 402 12.68 10.78 13.32
N ARG B 403 13.18 11.40 14.39
CA ARG B 403 13.19 10.80 15.76
C ARG B 403 11.78 10.31 16.07
N GLU B 404 10.86 11.27 16.15
CA GLU B 404 9.41 11.09 16.46
C GLU B 404 8.86 9.93 15.63
N TRP B 405 9.21 9.85 14.35
CA TRP B 405 8.73 8.78 13.43
C TRP B 405 9.22 7.41 13.92
N LYS B 406 10.50 7.28 14.30
CA LYS B 406 11.10 5.97 14.66
C LYS B 406 10.54 5.51 16.02
N GLN B 407 10.18 6.44 16.91
CA GLN B 407 9.54 6.13 18.23
C GLN B 407 8.11 5.66 17.97
N LYS B 408 7.32 6.44 17.20
CA LYS B 408 5.95 6.07 16.75
C LYS B 408 5.98 4.69 16.08
N ARG B 409 6.87 4.48 15.11
CA ARG B 409 6.85 3.30 14.22
C ARG B 409 7.41 2.07 14.94
N HIS B 410 8.65 2.16 15.42
CA HIS B 410 9.44 0.99 15.91
C HIS B 410 9.59 1.01 17.44
N LYS B 411 9.03 2.02 18.12
CA LYS B 411 9.08 2.17 19.60
C LYS B 411 10.54 2.03 20.06
N LYS B 412 11.43 2.82 19.45
CA LYS B 412 12.89 2.80 19.72
C LYS B 412 13.44 4.23 19.56
N PRO B 413 14.59 4.55 20.20
CA PRO B 413 15.17 5.88 20.08
C PRO B 413 16.00 6.00 18.80
N TRP B 414 16.39 7.23 18.45
CA TRP B 414 17.22 7.53 17.26
C TRP B 414 18.70 7.46 17.64
N TYR B 415 19.43 6.49 17.08
CA TYR B 415 20.89 6.31 17.25
C TYR B 415 21.62 7.14 16.18
N GLN B 416 22.81 7.64 16.53
CA GLN B 416 23.68 8.45 15.64
C GLN B 416 23.90 7.69 14.31
N GLY B 417 24.02 6.36 14.40
CA GLY B 417 24.21 5.46 13.24
C GLY B 417 23.08 5.54 12.23
N ASP B 418 21.88 5.95 12.69
CA ASP B 418 20.67 6.11 11.84
C ASP B 418 20.76 7.42 11.04
N THR B 419 21.40 8.46 11.58
CA THR B 419 21.53 9.79 10.94
C THR B 419 22.43 9.69 9.70
N ILE B 420 23.42 8.80 9.71
CA ILE B 420 24.56 8.87 8.73
C ILE B 420 24.07 8.50 7.33
N PRO B 421 23.38 7.35 7.12
CA PRO B 421 22.92 6.97 5.77
C PRO B 421 21.95 7.99 5.14
N VAL B 422 21.14 8.66 5.96
CA VAL B 422 20.24 9.77 5.53
C VAL B 422 21.08 10.80 4.76
N GLY B 423 22.35 10.98 5.15
CA GLY B 423 23.29 11.92 4.51
C GLY B 423 23.45 11.70 3.02
N ILE B 424 23.32 10.45 2.56
CA ILE B 424 23.47 10.08 1.12
C ILE B 424 22.13 9.53 0.59
N GLY B 425 21.02 9.90 1.23
CA GLY B 425 19.64 9.59 0.79
C GLY B 425 19.36 8.10 0.72
N GLN B 426 19.83 7.34 1.70
CA GLN B 426 19.76 5.85 1.72
C GLN B 426 19.34 5.34 3.10
N GLY B 427 18.78 6.20 3.95
CA GLY B 427 18.43 5.79 5.33
C GLY B 427 17.18 4.95 5.32
N TYR B 428 16.17 5.36 6.08
CA TYR B 428 14.75 4.99 5.87
C TYR B 428 14.16 5.92 4.82
N TRP B 429 14.99 6.80 4.23
CA TRP B 429 14.57 7.85 3.26
C TRP B 429 14.11 7.21 1.96
N THR B 430 12.85 7.46 1.59
CA THR B 430 12.22 7.07 0.31
C THR B 430 11.52 8.30 -0.28
N ALA B 431 11.45 8.39 -1.61
CA ALA B 431 10.87 9.54 -2.33
C ALA B 431 10.27 9.10 -3.67
N THR B 432 9.31 9.87 -4.16
CA THR B 432 8.67 9.68 -5.49
C THR B 432 9.40 10.54 -6.52
N PRO B 433 9.49 10.08 -7.78
CA PRO B 433 10.03 10.91 -8.87
C PRO B 433 9.45 12.33 -8.92
N ILE B 434 8.15 12.48 -8.65
CA ILE B 434 7.46 13.81 -8.67
C ILE B 434 8.00 14.67 -7.52
N GLN B 435 8.32 14.06 -6.36
CA GLN B 435 8.97 14.73 -5.21
C GLN B 435 10.38 15.18 -5.62
N MET B 436 11.16 14.25 -6.18
CA MET B 436 12.52 14.48 -6.72
C MET B 436 12.48 15.60 -7.79
N ALA B 437 11.40 15.67 -8.57
CA ALA B 437 11.18 16.69 -9.61
C ALA B 437 10.89 18.05 -8.95
N LYS B 438 10.09 18.06 -7.89
CA LYS B 438 9.64 19.30 -7.22
C LYS B 438 10.80 19.95 -6.46
N SER B 439 11.66 19.15 -5.83
CA SER B 439 12.79 19.66 -5.02
C SER B 439 13.81 20.34 -5.96
N LEU B 440 14.12 19.73 -7.11
CA LEU B 440 15.02 20.33 -8.14
C LEU B 440 14.47 21.70 -8.55
N MET B 441 13.17 21.79 -8.83
CA MET B 441 12.53 23.06 -9.28
C MET B 441 12.70 24.12 -8.19
N THR B 442 12.54 23.75 -6.92
CA THR B 442 12.73 24.66 -5.76
C THR B 442 14.18 25.14 -5.73
N LEU B 443 15.15 24.26 -6.00
CA LEU B 443 16.59 24.61 -6.04
C LEU B 443 16.81 25.63 -7.17
N ILE B 444 16.37 25.29 -8.37
CA ILE B 444 16.46 26.15 -9.60
C ILE B 444 15.90 27.54 -9.27
N ASN B 445 14.78 27.61 -8.55
CA ASN B 445 14.01 28.86 -8.27
C ASN B 445 14.45 29.47 -6.93
N ASP B 446 15.59 29.03 -6.39
CA ASP B 446 16.22 29.58 -5.15
C ASP B 446 15.19 29.62 -4.01
N GLY B 447 14.58 28.48 -3.69
CA GLY B 447 13.67 28.33 -2.54
C GLY B 447 12.27 28.85 -2.82
N THR B 448 12.02 29.38 -4.02
CA THR B 448 10.67 29.84 -4.46
C THR B 448 9.91 28.61 -4.95
N VAL B 449 9.15 27.96 -4.05
CA VAL B 449 8.54 26.62 -4.29
C VAL B 449 7.47 26.75 -5.37
N LYS B 450 7.53 25.90 -6.38
CA LYS B 450 6.52 25.81 -7.47
C LYS B 450 5.86 24.41 -7.42
N THR B 451 4.53 24.41 -7.34
CA THR B 451 3.66 23.20 -7.33
C THR B 451 3.70 22.54 -8.70
N PRO B 452 4.16 21.27 -8.83
CA PRO B 452 4.12 20.60 -10.12
C PRO B 452 2.64 20.38 -10.43
N HIS B 453 2.24 20.51 -11.69
CA HIS B 453 0.82 20.55 -12.11
C HIS B 453 0.70 20.32 -13.62
N LEU B 454 -0.44 19.75 -14.04
CA LEU B 454 -0.75 19.40 -15.45
C LEU B 454 -1.77 20.39 -16.03
N LEU B 455 -2.64 20.98 -15.21
CA LEU B 455 -3.64 21.96 -15.68
C LEU B 455 -2.92 23.20 -16.19
N GLN B 456 -3.04 23.49 -17.49
CA GLN B 456 -2.59 24.77 -18.10
C GLN B 456 -3.72 25.80 -17.94
N SER B 457 -4.94 25.45 -18.38
CA SER B 457 -6.10 26.37 -18.39
C SER B 457 -7.42 25.60 -18.59
N THR B 458 -8.52 26.26 -18.18
CA THR B 458 -9.92 25.75 -18.21
C THR B 458 -10.78 26.75 -18.99
N ARG B 459 -11.62 26.26 -19.91
CA ARG B 459 -12.63 27.10 -20.63
C ARG B 459 -13.81 27.39 -19.71
N ILE B 460 -13.88 28.60 -19.16
CA ILE B 460 -15.04 29.09 -18.33
C ILE B 460 -15.82 30.12 -19.16
N ASP B 461 -16.95 29.69 -19.74
CA ASP B 461 -17.87 30.51 -20.58
C ASP B 461 -17.16 30.89 -21.89
N GLY B 462 -16.44 29.95 -22.50
CA GLY B 462 -15.73 30.13 -23.78
C GLY B 462 -14.34 30.75 -23.63
N VAL B 463 -14.09 31.43 -22.49
CA VAL B 463 -12.81 32.12 -22.16
C VAL B 463 -11.87 31.11 -21.49
N LEU B 464 -10.57 31.21 -21.75
CA LEU B 464 -9.52 30.37 -21.10
C LEU B 464 -8.97 31.11 -19.87
N VAL B 465 -9.25 30.58 -18.67
CA VAL B 465 -8.65 31.07 -17.39
C VAL B 465 -7.50 30.11 -17.06
N PRO B 466 -6.25 30.61 -16.92
CA PRO B 466 -5.10 29.76 -16.61
C PRO B 466 -5.03 29.30 -15.14
N TYR B 467 -4.31 28.19 -14.93
CA TYR B 467 -3.92 27.64 -13.61
C TYR B 467 -3.31 28.75 -12.74
N LYS B 468 -3.77 28.86 -11.50
CA LYS B 468 -3.26 29.81 -10.48
C LYS B 468 -2.72 29.00 -9.30
N GLN B 469 -1.40 29.10 -9.05
CA GLN B 469 -0.71 28.36 -7.96
C GLN B 469 -1.14 28.93 -6.60
N GLU B 470 -1.70 28.09 -5.74
CA GLU B 470 -2.10 28.43 -4.35
C GLU B 470 -0.83 28.68 -3.51
N ASP B 471 0.12 27.73 -3.58
CA ASP B 471 1.38 27.70 -2.80
C ASP B 471 2.22 28.94 -3.12
N SER B 472 2.68 29.65 -2.08
CA SER B 472 3.55 30.85 -2.17
C SER B 472 4.67 30.75 -1.11
N THR B 473 5.15 29.53 -0.84
CA THR B 473 6.17 29.20 0.19
C THR B 473 7.55 29.62 -0.33
N GLN B 474 8.37 30.21 0.55
CA GLN B 474 9.79 30.54 0.27
C GLN B 474 10.68 29.79 1.28
N ILE B 475 11.71 29.10 0.80
CA ILE B 475 12.70 28.36 1.63
C ILE B 475 13.92 29.26 1.84
N GLY B 476 14.36 29.41 3.09
CA GLY B 476 15.48 30.28 3.48
C GLY B 476 15.38 31.66 2.83
N SER B 477 16.51 32.21 2.37
CA SER B 477 16.60 33.55 1.73
C SER B 477 16.87 33.37 0.22
N ILE B 478 16.25 34.20 -0.61
CA ILE B 478 16.20 34.05 -2.11
C ILE B 478 17.59 34.30 -2.70
N ASN B 479 18.40 35.14 -2.05
CA ASN B 479 19.69 35.64 -2.58
C ASN B 479 20.86 35.17 -1.70
N SER B 480 20.63 34.16 -0.85
CA SER B 480 21.66 33.62 0.09
C SER B 480 22.90 33.20 -0.70
N GLY B 481 22.76 32.87 -1.99
CA GLY B 481 23.88 32.48 -2.88
C GLY B 481 24.20 31.01 -2.76
N TYR B 482 23.73 30.37 -1.68
CA TYR B 482 23.90 28.93 -1.35
C TYR B 482 23.34 28.05 -2.48
N TRP B 483 22.19 28.46 -3.04
CA TRP B 483 21.50 27.78 -4.16
C TRP B 483 22.47 27.63 -5.34
N GLU B 484 23.17 28.72 -5.67
CA GLU B 484 24.07 28.82 -6.85
C GLU B 484 25.32 27.94 -6.60
N ILE B 485 25.81 27.86 -5.36
CA ILE B 485 26.93 26.98 -4.97
C ILE B 485 26.55 25.54 -5.32
N ALA B 486 25.34 25.11 -4.94
CA ALA B 486 24.79 23.76 -5.18
C ALA B 486 24.60 23.54 -6.68
N LYS B 487 23.96 24.49 -7.37
CA LYS B 487 23.71 24.41 -8.83
C LYS B 487 25.05 24.31 -9.56
N ASP B 488 26.03 25.13 -9.18
CA ASP B 488 27.42 25.10 -9.74
C ASP B 488 28.00 23.68 -9.63
N GLY B 489 27.90 23.07 -8.44
CA GLY B 489 28.32 21.68 -8.19
C GLY B 489 27.72 20.72 -9.20
N MET B 490 26.44 20.92 -9.52
CA MET B 490 25.68 20.09 -10.50
C MET B 490 26.17 20.40 -11.92
N TYR B 491 26.53 21.66 -12.21
CA TYR B 491 27.20 22.07 -13.48
C TYR B 491 28.48 21.24 -13.66
N GLY B 492 29.21 21.01 -12.56
CA GLY B 492 30.45 20.23 -12.52
C GLY B 492 30.24 18.77 -12.89
N VAL B 493 29.22 18.12 -12.33
CA VAL B 493 28.99 16.66 -12.55
C VAL B 493 28.76 16.41 -14.05
N ALA B 494 28.23 17.40 -14.78
CA ALA B 494 27.91 17.32 -16.22
C ALA B 494 29.14 17.67 -17.08
N ASN B 495 29.82 18.78 -16.77
CA ASN B 495 30.71 19.50 -17.71
C ASN B 495 32.19 19.40 -17.31
N ARG B 496 32.51 19.48 -16.01
CA ARG B 496 33.91 19.53 -15.53
C ARG B 496 34.54 18.14 -15.63
N PRO B 497 35.89 18.05 -15.77
CA PRO B 497 36.57 16.78 -16.02
C PRO B 497 36.59 15.79 -14.84
N ASN B 498 36.19 16.23 -13.64
CA ASN B 498 36.10 15.35 -12.43
C ASN B 498 34.64 14.94 -12.17
N GLY B 499 33.68 15.48 -12.95
CA GLY B 499 32.24 15.18 -12.85
C GLY B 499 31.93 13.72 -13.13
N THR B 500 30.99 13.12 -12.38
CA THR B 500 30.66 11.67 -12.42
C THR B 500 29.93 11.33 -13.74
N GLY B 501 29.23 12.31 -14.32
CA GLY B 501 28.49 12.15 -15.58
C GLY B 501 28.93 13.16 -16.62
N ARG B 502 30.24 13.32 -16.81
CA ARG B 502 30.83 14.24 -17.82
C ARG B 502 30.68 13.59 -19.21
N LYS B 503 30.75 12.26 -19.27
CA LYS B 503 30.76 11.49 -20.53
C LYS B 503 29.44 11.62 -21.30
N PHE B 504 28.34 11.99 -20.63
CA PHE B 504 26.99 12.06 -21.25
C PHE B 504 26.69 13.46 -21.80
N PHE B 505 27.44 14.48 -21.35
CA PHE B 505 27.26 15.90 -21.77
C PHE B 505 28.55 16.41 -22.44
N GLU B 506 29.03 15.66 -23.42
CA GLU B 506 30.12 16.06 -24.35
C GLU B 506 29.49 16.61 -25.63
N GLY B 507 30.00 17.75 -26.12
CA GLY B 507 29.60 18.35 -27.40
C GLY B 507 28.26 19.06 -27.32
N THR B 508 27.87 19.50 -26.12
CA THR B 508 26.55 20.14 -25.85
C THR B 508 26.69 21.65 -26.11
N PRO B 509 25.96 22.21 -27.10
CA PRO B 509 25.96 23.65 -27.34
C PRO B 509 25.49 24.45 -26.12
N TYR B 510 24.48 23.89 -25.45
CA TYR B 510 23.93 24.36 -24.14
C TYR B 510 24.78 23.78 -23.00
N LYS B 511 24.67 24.40 -21.83
CA LYS B 511 25.30 23.92 -20.57
C LYS B 511 24.21 23.29 -19.70
N ALA B 512 24.31 21.98 -19.48
CA ALA B 512 23.39 21.20 -18.62
C ALA B 512 24.00 21.07 -17.21
N ALA B 513 23.16 21.19 -16.18
CA ALA B 513 23.48 20.84 -14.77
C ALA B 513 22.70 19.59 -14.40
N ALA B 514 23.35 18.62 -13.75
CA ALA B 514 22.83 17.26 -13.52
C ALA B 514 23.30 16.73 -12.17
N LYS B 515 22.76 15.58 -11.75
CA LYS B 515 23.11 14.89 -10.48
C LYS B 515 22.55 13.47 -10.54
N SER B 516 23.44 12.48 -10.63
CA SER B 516 23.10 11.05 -10.78
C SER B 516 22.85 10.44 -9.39
N GLY B 517 22.38 9.21 -9.35
CA GLY B 517 22.18 8.45 -8.11
C GLY B 517 22.05 6.96 -8.38
N THR B 518 22.41 6.14 -7.38
CA THR B 518 22.32 4.66 -7.41
C THR B 518 21.71 4.19 -6.08
N ALA B 519 20.51 3.60 -6.14
CA ALA B 519 19.75 3.08 -4.99
C ALA B 519 19.65 1.55 -5.08
N GLN B 520 19.48 0.88 -3.93
CA GLN B 520 19.51 -0.60 -3.79
C GLN B 520 18.15 -1.08 -3.26
N VAL B 521 17.98 -2.40 -3.15
CA VAL B 521 16.75 -3.05 -2.60
C VAL B 521 17.18 -4.14 -1.61
N GLU B 534 12.83 -13.02 -8.68
CA GLU B 534 13.60 -12.93 -7.41
C GLU B 534 15.05 -12.49 -7.67
N HIS B 535 15.44 -12.26 -8.93
CA HIS B 535 16.82 -11.85 -9.34
C HIS B 535 16.79 -10.38 -9.78
N LEU B 536 17.31 -9.46 -8.96
CA LEU B 536 17.23 -7.99 -9.18
C LEU B 536 18.53 -7.29 -8.78
N ARG B 537 18.68 -6.04 -9.24
CA ARG B 537 19.92 -5.21 -9.17
C ARG B 537 19.58 -3.88 -8.47
N ASP B 538 20.35 -2.82 -8.75
CA ASP B 538 20.22 -1.46 -8.16
C ASP B 538 19.44 -0.54 -9.12
N HIS B 539 18.52 0.27 -8.58
CA HIS B 539 17.81 1.36 -9.32
C HIS B 539 18.83 2.41 -9.75
N LYS B 540 18.60 3.06 -10.89
CA LYS B 540 19.47 4.12 -11.44
C LYS B 540 18.68 5.44 -11.55
N LEU B 541 19.15 6.49 -10.87
CA LEU B 541 18.46 7.81 -10.82
C LEU B 541 19.32 8.85 -11.53
N MET B 542 18.68 9.94 -11.96
CA MET B 542 19.35 11.20 -12.38
C MET B 542 18.32 12.31 -12.48
N VAL B 543 18.63 13.46 -11.90
CA VAL B 543 17.89 14.74 -12.11
C VAL B 543 18.85 15.69 -12.82
N ALA B 544 18.33 16.53 -13.72
CA ALA B 544 19.15 17.46 -14.54
C ALA B 544 18.28 18.62 -15.01
N PHE B 545 18.91 19.76 -15.35
CA PHE B 545 18.21 20.93 -15.93
C PHE B 545 19.11 21.68 -16.92
N ALA B 546 18.45 22.23 -17.95
CA ALA B 546 19.04 22.85 -19.16
C ALA B 546 18.27 24.12 -19.50
N PRO B 547 18.69 24.81 -20.60
CA PRO B 547 19.86 25.68 -20.53
C PRO B 547 20.21 26.13 -19.10
N TYR B 548 21.47 25.92 -18.70
CA TYR B 548 21.99 26.22 -17.33
C TYR B 548 21.81 27.71 -16.94
N GLU B 549 22.21 28.70 -17.75
CA GLU B 549 22.10 30.18 -17.44
C GLU B 549 20.65 30.57 -17.13
N ASN B 550 19.72 30.23 -18.03
CA ASN B 550 18.26 30.47 -17.87
C ASN B 550 17.53 29.14 -18.04
N PRO B 551 17.40 28.33 -16.96
CA PRO B 551 16.77 27.01 -17.05
C PRO B 551 15.31 27.11 -17.54
N THR B 552 14.99 26.34 -18.57
CA THR B 552 13.66 26.34 -19.26
C THR B 552 13.06 24.92 -19.18
N VAL B 553 13.82 23.95 -18.68
CA VAL B 553 13.41 22.51 -18.59
C VAL B 553 14.21 21.83 -17.47
N SER B 554 13.52 21.17 -16.52
CA SER B 554 14.12 20.26 -15.51
C SER B 554 13.56 18.85 -15.71
N VAL B 555 14.39 17.83 -15.46
CA VAL B 555 14.07 16.39 -15.66
C VAL B 555 14.30 15.65 -14.35
N ALA B 556 13.43 14.67 -14.05
CA ALA B 556 13.66 13.62 -13.05
C ALA B 556 13.39 12.28 -13.74
N ILE B 557 14.34 11.36 -13.67
CA ILE B 557 14.23 10.01 -14.31
C ILE B 557 14.82 8.96 -13.37
N ILE B 558 14.17 7.80 -13.30
CA ILE B 558 14.65 6.63 -12.53
C ILE B 558 14.25 5.35 -13.29
N LEU B 559 15.21 4.44 -13.46
CA LEU B 559 15.03 3.13 -14.13
C LEU B 559 15.07 2.05 -13.05
N GLU B 560 13.92 1.42 -12.75
CA GLU B 560 13.84 0.32 -11.74
C GLU B 560 14.88 -0.74 -12.09
N ASN B 561 15.69 -1.16 -11.10
CA ASN B 561 16.64 -2.30 -11.18
C ASN B 561 17.52 -2.15 -12.43
N GLY B 562 18.02 -0.93 -12.68
CA GLY B 562 18.98 -0.62 -13.76
C GLY B 562 18.32 -0.28 -15.08
N GLY B 563 17.05 -0.67 -15.27
CA GLY B 563 16.33 -0.56 -16.56
C GLY B 563 16.75 -1.68 -17.51
N ALA B 564 16.29 -1.64 -18.75
CA ALA B 564 16.52 -2.70 -19.76
C ALA B 564 17.98 -2.63 -20.25
N GLY B 565 18.37 -1.50 -20.87
CA GLY B 565 19.71 -1.35 -21.47
C GLY B 565 20.29 0.04 -21.21
N PRO B 566 19.86 1.08 -21.97
CA PRO B 566 20.54 2.38 -21.97
C PRO B 566 20.66 3.03 -20.59
N ALA B 567 21.79 3.70 -20.35
CA ALA B 567 22.12 4.44 -19.12
C ALA B 567 21.18 5.66 -18.97
N VAL B 568 20.83 5.97 -17.73
CA VAL B 568 19.94 7.11 -17.35
C VAL B 568 20.56 8.41 -17.90
N GLY B 569 21.88 8.57 -17.79
CA GLY B 569 22.62 9.74 -18.31
C GLY B 569 22.46 9.89 -19.82
N THR B 570 22.54 8.77 -20.55
CA THR B 570 22.31 8.70 -22.02
C THR B 570 20.90 9.24 -22.32
N ILE B 571 19.89 8.70 -21.63
CA ILE B 571 18.45 9.03 -21.84
C ILE B 571 18.20 10.49 -21.48
N THR B 572 18.81 11.00 -20.39
CA THR B 572 18.67 12.41 -19.98
C THR B 572 19.20 13.30 -21.11
N ARG B 573 20.36 12.95 -21.68
CA ARG B 573 20.98 13.73 -22.79
C ARG B 573 20.04 13.74 -23.99
N GLN B 574 19.58 12.57 -24.45
CA GLN B 574 18.64 12.42 -25.60
C GLN B 574 17.41 13.31 -25.38
N ILE B 575 16.85 13.31 -24.17
CA ILE B 575 15.63 14.09 -23.82
C ILE B 575 15.96 15.59 -23.88
N LEU B 576 17.12 16.00 -23.35
CA LEU B 576 17.51 17.43 -23.27
C LEU B 576 17.82 17.95 -24.68
N ASP B 577 18.51 17.13 -25.49
CA ASP B 577 18.75 17.40 -26.94
C ASP B 577 17.41 17.56 -27.65
N HIS B 578 16.54 16.54 -27.56
CA HIS B 578 15.23 16.48 -28.25
C HIS B 578 14.44 17.78 -28.05
N ILE B 579 14.49 18.37 -26.84
CA ILE B 579 13.65 19.53 -26.46
C ILE B 579 14.28 20.83 -26.95
N LEU B 580 15.61 20.98 -26.80
CA LEU B 580 16.33 22.28 -26.97
C LEU B 580 16.89 22.43 -28.39
N LEU B 581 17.22 21.33 -29.07
CA LEU B 581 17.72 21.32 -30.48
C LEU B 581 16.54 21.25 -31.47
N GLY B 582 15.30 21.19 -30.98
CA GLY B 582 14.10 20.98 -31.80
C GLY B 582 14.15 19.65 -32.53
#